data_2NT9
#
_entry.id   2NT9
#
_cell.length_a   51.402
_cell.length_b   85.750
_cell.length_c   97.642
_cell.angle_alpha   90.00
_cell.angle_beta   93.31
_cell.angle_gamma   90.00
#
_symmetry.space_group_name_H-M   'P 1 21 1'
#
loop_
_entity.id
_entity.type
_entity.pdbx_description
1 polymer 'Pectinesterase A'
2 branched 'alpha-D-galactopyranuronic acid-(1-4)-methyl alpha-D-galactopyranuronate-(1-4)-methyl alpha-D-galactopyranuronate-(1-4)-methyl alpha-D-galactopyranuronate-(1-4)-methyl alpha-D-galactopyranuronate-(1-4)-alpha-D-galactopyranuronic acid'
3 water water
#
_entity_poly.entity_id   1
_entity_poly.type   'polypeptide(L)'
_entity_poly.pdbx_seq_one_letter_code
;ATTYNAVVSKSSSDGKTFKTIADAIASAPAGSTPFVILIKNGVYNERLTITRNNLHLKGESRNGAVIAAATAAGTLKSDG
SKWGTAGSSTITISAKDFSAQSLTIRNDFDFPANQAKSDSDSSKIKDTQAVALYVTKSGDRAYFKDVSLVGYQATLYVSG
GRSFFSDCRISGTVDFIFGDGTALFNNCDLVSRYRADVKSGNVSGYLTAPSTNINQKYGLVITNSRVIRESDSVPAKSYG
LGRPWHPTTTFSDGRYADPNAIGQTVFLNTSMDNHIYGWDKMSGKDKNGNTIWFNPEDSRFFEYKSYGAGATVSKDRRQL
TDAQAAEYTQSKVLGDWTPTLP
;
_entity_poly.pdbx_strand_id   A,B
#
loop_
_chem_comp.id
_chem_comp.type
_chem_comp.name
_chem_comp.formula
ADA D-saccharide, alpha linking 'alpha-D-galactopyranuronic acid' 'C6 H10 O7'
M8C D-saccharide, alpha linking 'methyl alpha-D-galactopyranuronate' 'C7 H12 O7'
#
# COMPACT_ATOMS: atom_id res chain seq x y z
N ALA A 1 38.87 -10.31 -1.97
CA ALA A 1 39.47 -11.67 -1.85
C ALA A 1 38.40 -12.77 -1.88
N THR A 2 38.35 -13.50 -2.99
CA THR A 2 37.41 -14.61 -3.15
C THR A 2 38.13 -15.84 -3.70
N THR A 3 38.11 -16.92 -2.91
CA THR A 3 38.80 -18.17 -3.24
C THR A 3 37.94 -19.39 -2.95
N TYR A 4 38.02 -20.39 -3.83
CA TYR A 4 37.17 -21.59 -3.74
C TYR A 4 37.96 -22.83 -3.31
N ASN A 5 37.33 -23.65 -2.48
CA ASN A 5 37.91 -24.92 -2.05
C ASN A 5 37.67 -26.06 -3.04
N ALA A 6 36.59 -25.94 -3.82
CA ALA A 6 36.26 -26.93 -4.85
C ALA A 6 35.44 -26.29 -5.95
N VAL A 7 35.53 -26.83 -7.17
CA VAL A 7 34.78 -26.33 -8.31
C VAL A 7 34.02 -27.49 -8.97
N VAL A 8 32.75 -27.25 -9.28
CA VAL A 8 31.90 -28.24 -9.97
C VAL A 8 31.57 -27.72 -11.37
N SER A 9 31.72 -28.59 -12.38
CA SER A 9 31.31 -28.23 -13.74
C SER A 9 30.88 -29.43 -14.57
N LYS A 10 30.15 -29.15 -15.65
CA LYS A 10 29.67 -30.17 -16.58
C LYS A 10 30.78 -30.63 -17.53
N SER A 11 31.75 -29.74 -17.77
CA SER A 11 32.84 -29.98 -18.71
C SER A 11 34.01 -30.74 -18.09
N SER A 12 34.66 -31.57 -18.90
CA SER A 12 35.95 -32.18 -18.53
C SER A 12 37.08 -31.29 -19.05
N SER A 13 36.77 -30.50 -20.09
CA SER A 13 37.67 -29.48 -20.63
C SER A 13 37.89 -28.32 -19.66
N ASP A 14 37.10 -28.29 -18.58
CA ASP A 14 37.19 -27.26 -17.55
C ASP A 14 38.45 -27.44 -16.70
N GLY A 15 38.90 -28.68 -16.56
CA GLY A 15 40.16 -28.97 -15.86
C GLY A 15 39.98 -29.82 -14.62
N LYS A 16 40.50 -29.32 -13.49
CA LYS A 16 40.45 -30.03 -12.21
C LYS A 16 39.18 -29.72 -11.42
N THR A 17 38.04 -30.17 -11.96
CA THR A 17 36.73 -29.91 -11.38
C THR A 17 35.98 -31.21 -11.03
N PHE A 18 35.08 -31.13 -10.07
CA PHE A 18 34.20 -32.24 -9.73
C PHE A 18 33.03 -32.29 -10.72
N LYS A 19 32.52 -33.49 -10.98
CA LYS A 19 31.40 -33.65 -11.91
C LYS A 19 30.03 -33.55 -11.24
N THR A 20 29.96 -33.91 -9.96
CA THR A 20 28.72 -33.74 -9.19
C THR A 20 28.92 -32.86 -7.96
N ILE A 21 27.85 -32.22 -7.51
CA ILE A 21 27.90 -31.36 -6.32
C ILE A 21 28.11 -32.18 -5.06
N ALA A 22 27.43 -33.33 -4.99
CA ALA A 22 27.57 -34.26 -3.86
C ALA A 22 29.01 -34.72 -3.63
N ASP A 23 29.73 -34.99 -4.72
CA ASP A 23 31.16 -35.34 -4.66
C ASP A 23 31.99 -34.20 -4.07
N ALA A 24 31.78 -32.97 -4.55
CA ALA A 24 32.50 -31.78 -4.06
C ALA A 24 32.24 -31.54 -2.57
N ILE A 25 30.99 -31.70 -2.14
CA ILE A 25 30.61 -31.54 -0.73
C ILE A 25 31.26 -32.62 0.16
N ALA A 26 31.17 -33.87 -0.28
CA ALA A 26 31.75 -35.00 0.44
C ALA A 26 33.25 -34.88 0.64
N SER A 27 33.95 -34.25 -0.31
CA SER A 27 35.40 -34.06 -0.29
C SER A 27 35.90 -33.12 0.80
N ALA A 28 34.99 -32.34 1.38
CA ALA A 28 35.35 -31.36 2.41
C ALA A 28 35.93 -32.05 3.64
N PRO A 29 37.09 -31.57 4.12
CA PRO A 29 37.66 -32.14 5.35
C PRO A 29 36.66 -32.05 6.49
N ALA A 30 36.68 -33.02 7.40
CA ALA A 30 35.81 -32.99 8.57
C ALA A 30 36.17 -31.79 9.44
N GLY A 31 35.16 -31.18 10.05
CA GLY A 31 35.38 -29.99 10.86
C GLY A 31 34.46 -28.84 10.49
N SER A 32 34.91 -27.62 10.78
CA SER A 32 34.04 -26.45 10.68
C SER A 32 34.73 -25.18 10.16
N THR A 33 35.89 -25.36 9.52
CA THR A 33 36.53 -24.32 8.72
C THR A 33 35.65 -24.07 7.50
N PRO A 34 35.60 -22.81 7.02
CA PRO A 34 34.76 -22.54 5.84
C PRO A 34 35.17 -23.37 4.63
N PHE A 35 34.17 -23.93 3.93
CA PHE A 35 34.41 -24.67 2.69
C PHE A 35 33.49 -24.09 1.62
N VAL A 36 34.09 -23.55 0.58
CA VAL A 36 33.37 -22.81 -0.45
C VAL A 36 33.48 -23.54 -1.79
N ILE A 37 32.33 -23.87 -2.37
CA ILE A 37 32.22 -24.61 -3.62
C ILE A 37 31.60 -23.75 -4.72
N LEU A 38 32.33 -23.57 -5.81
CA LEU A 38 31.79 -22.91 -6.99
C LEU A 38 31.12 -23.94 -7.89
N ILE A 39 29.88 -23.63 -8.30
CA ILE A 39 29.11 -24.49 -9.20
C ILE A 39 28.90 -23.79 -10.54
N LYS A 40 29.54 -24.30 -11.58
CA LYS A 40 29.42 -23.72 -12.92
C LYS A 40 28.06 -24.02 -13.56
N ASN A 41 27.65 -23.19 -14.53
CA ASN A 41 26.35 -23.33 -15.20
C ASN A 41 26.02 -24.77 -15.63
N GLY A 42 24.77 -25.16 -15.43
CA GLY A 42 24.33 -26.52 -15.75
C GLY A 42 23.19 -26.97 -14.86
N VAL A 43 22.52 -28.04 -15.27
CA VAL A 43 21.43 -28.63 -14.49
C VAL A 43 21.96 -29.89 -13.84
N TYR A 44 22.04 -29.86 -12.52
CA TYR A 44 22.56 -30.97 -11.73
C TYR A 44 21.43 -31.76 -11.08
N ASN A 45 21.15 -32.93 -11.65
CA ASN A 45 20.07 -33.79 -11.17
C ASN A 45 20.52 -34.57 -9.95
N GLU A 46 20.36 -33.94 -8.78
CA GLU A 46 20.94 -34.41 -7.54
C GLU A 46 20.04 -34.09 -6.36
N ARG A 47 20.10 -34.94 -5.35
CA ARG A 47 19.48 -34.64 -4.08
C ARG A 47 20.59 -34.59 -3.04
N LEU A 48 20.60 -33.52 -2.26
CA LEU A 48 21.70 -33.24 -1.34
C LEU A 48 21.25 -33.11 0.12
N THR A 49 22.04 -33.67 1.04
CA THR A 49 21.85 -33.45 2.47
C THR A 49 23.13 -32.85 3.05
N ILE A 50 23.01 -31.67 3.64
CA ILE A 50 24.16 -30.94 4.18
C ILE A 50 24.27 -31.13 5.69
N THR A 51 25.32 -31.82 6.13
CA THR A 51 25.55 -32.04 7.55
C THR A 51 26.84 -31.38 8.05
N ARG A 52 27.60 -30.77 7.17
CA ARG A 52 28.82 -30.08 7.59
C ARG A 52 28.56 -28.60 7.85
N ASN A 53 28.99 -28.13 9.02
CA ASN A 53 28.91 -26.72 9.38
C ASN A 53 29.83 -25.88 8.49
N ASN A 54 29.45 -24.61 8.27
CA ASN A 54 30.28 -23.65 7.54
C ASN A 54 30.55 -24.06 6.08
N LEU A 55 29.55 -24.70 5.45
CA LEU A 55 29.60 -25.01 4.02
C LEU A 55 28.89 -23.94 3.21
N HIS A 56 29.47 -23.57 2.07
CA HIS A 56 28.94 -22.50 1.23
C HIS A 56 28.95 -22.88 -0.23
N LEU A 57 27.82 -22.69 -0.88
CA LEU A 57 27.67 -22.96 -2.31
C LEU A 57 27.48 -21.66 -3.07
N LYS A 58 28.18 -21.53 -4.19
CA LYS A 58 28.04 -20.37 -5.07
C LYS A 58 27.89 -20.84 -6.50
N GLY A 59 26.72 -20.57 -7.08
CA GLY A 59 26.47 -20.88 -8.49
C GLY A 59 27.01 -19.78 -9.37
N GLU A 60 27.30 -20.14 -10.63
CA GLU A 60 27.84 -19.20 -11.61
C GLU A 60 26.83 -18.10 -11.92
N SER A 61 25.55 -18.48 -11.97
CA SER A 61 24.45 -17.54 -12.17
C SER A 61 23.17 -18.21 -11.67
N ARG A 62 22.23 -17.41 -11.18
CA ARG A 62 20.93 -17.94 -10.75
C ARG A 62 20.19 -18.57 -11.94
N ASN A 63 20.26 -17.90 -13.09
CA ASN A 63 19.59 -18.37 -14.30
C ASN A 63 20.10 -19.73 -14.79
N GLY A 64 21.42 -19.95 -14.69
CA GLY A 64 22.07 -21.11 -15.29
C GLY A 64 22.56 -22.23 -14.40
N ALA A 65 22.73 -21.97 -13.10
CA ALA A 65 23.16 -23.02 -12.16
C ALA A 65 21.95 -23.57 -11.42
N VAL A 66 21.58 -24.81 -11.75
CA VAL A 66 20.36 -25.43 -11.25
C VAL A 66 20.65 -26.77 -10.58
N ILE A 67 20.09 -26.96 -9.38
CA ILE A 67 20.10 -28.24 -8.71
C ILE A 67 18.63 -28.70 -8.66
N ALA A 68 18.33 -29.85 -9.24
CA ALA A 68 16.94 -30.28 -9.43
C ALA A 68 16.73 -31.79 -9.29
N ALA A 69 15.61 -32.17 -8.68
CA ALA A 69 15.19 -33.56 -8.61
C ALA A 69 13.68 -33.62 -8.43
N ALA A 70 13.04 -34.65 -8.99
CA ALA A 70 11.59 -34.83 -8.89
C ALA A 70 11.23 -35.86 -7.81
N THR A 71 10.65 -35.39 -6.71
CA THR A 71 10.22 -36.30 -5.63
C THR A 71 9.00 -35.73 -4.88
N ALA A 72 7.90 -36.47 -4.87
CA ALA A 72 6.72 -36.11 -4.08
C ALA A 72 6.73 -36.88 -2.76
N ALA A 73 5.97 -36.41 -1.77
CA ALA A 73 5.81 -37.13 -0.51
C ALA A 73 5.24 -38.55 -0.74
N GLY A 74 4.33 -38.66 -1.71
CA GLY A 74 3.71 -39.94 -2.11
C GLY A 74 4.51 -40.81 -3.06
N THR A 75 5.68 -40.34 -3.49
CA THR A 75 6.61 -41.15 -4.29
C THR A 75 7.10 -42.31 -3.43
N LEU A 76 7.18 -43.49 -4.02
CA LEU A 76 7.52 -44.70 -3.26
C LEU A 76 8.99 -45.03 -3.32
N LYS A 77 9.53 -45.51 -2.20
CA LYS A 77 10.90 -46.02 -2.14
C LYS A 77 10.93 -47.48 -2.58
N SER A 78 12.13 -48.06 -2.62
CA SER A 78 12.33 -49.48 -2.94
C SER A 78 11.51 -50.41 -2.04
N ASP A 79 11.46 -50.11 -0.75
CA ASP A 79 10.72 -50.92 0.22
C ASP A 79 9.20 -50.70 0.19
N GLY A 80 8.75 -49.86 -0.74
CA GLY A 80 7.32 -49.62 -0.94
C GLY A 80 6.74 -48.55 -0.04
N SER A 81 7.58 -47.93 0.78
CA SER A 81 7.13 -46.87 1.68
C SER A 81 7.24 -45.50 1.01
N LYS A 82 6.43 -44.55 1.47
CA LYS A 82 6.44 -43.20 0.95
C LYS A 82 7.63 -42.41 1.47
N TRP A 83 8.16 -41.50 0.64
CA TRP A 83 9.22 -40.59 1.05
C TRP A 83 8.77 -39.63 2.16
N GLY A 84 7.53 -39.16 2.06
CA GLY A 84 6.99 -38.20 3.02
C GLY A 84 7.42 -36.80 2.68
N THR A 85 6.82 -35.81 3.35
CA THR A 85 7.08 -34.40 3.04
C THR A 85 8.55 -34.02 3.24
N ALA A 86 9.06 -34.21 4.45
CA ALA A 86 10.47 -33.95 4.75
C ALA A 86 11.39 -34.72 3.79
N GLY A 87 11.11 -36.01 3.61
CA GLY A 87 11.90 -36.86 2.72
C GLY A 87 11.87 -36.53 1.23
N SER A 88 10.91 -35.71 0.80
CA SER A 88 10.77 -35.36 -0.62
C SER A 88 11.75 -34.26 -1.07
N SER A 89 12.44 -33.66 -0.10
CA SER A 89 13.26 -32.48 -0.37
C SER A 89 14.43 -32.71 -1.33
N THR A 90 14.61 -31.77 -2.26
CA THR A 90 15.77 -31.80 -3.16
C THR A 90 17.07 -31.50 -2.40
N ILE A 91 17.03 -30.45 -1.58
CA ILE A 91 18.16 -30.08 -0.71
C ILE A 91 17.69 -30.01 0.74
N THR A 92 18.43 -30.68 1.63
CA THR A 92 18.15 -30.69 3.05
C THR A 92 19.34 -30.06 3.81
N ILE A 93 19.06 -29.04 4.60
CA ILE A 93 20.11 -28.36 5.40
C ILE A 93 19.97 -28.74 6.88
N SER A 94 20.90 -29.57 7.35
CA SER A 94 20.95 -30.01 8.74
C SER A 94 22.32 -29.66 9.32
N ALA A 95 22.72 -28.42 9.14
CA ALA A 95 24.00 -27.93 9.60
C ALA A 95 23.86 -26.45 9.88
N LYS A 96 24.89 -25.86 10.48
CA LYS A 96 24.89 -24.44 10.80
C LYS A 96 25.79 -23.66 9.86
N ASP A 97 25.49 -22.37 9.70
CA ASP A 97 26.30 -21.44 8.89
C ASP A 97 26.45 -21.88 7.44
N PHE A 98 25.35 -22.39 6.89
CA PHE A 98 25.27 -22.70 5.49
C PHE A 98 24.91 -21.44 4.71
N SER A 99 25.47 -21.32 3.52
CA SER A 99 25.01 -20.31 2.58
C SER A 99 24.96 -20.86 1.16
N ALA A 100 23.98 -20.38 0.41
CA ALA A 100 23.88 -20.64 -1.01
C ALA A 100 23.64 -19.30 -1.70
N GLN A 101 24.37 -19.09 -2.80
CA GLN A 101 24.25 -17.85 -3.58
C GLN A 101 24.19 -18.14 -5.08
N SER A 102 23.36 -17.39 -5.80
CA SER A 102 23.32 -17.36 -7.27
C SER A 102 23.08 -18.73 -7.88
N LEU A 103 22.00 -19.38 -7.44
CA LEU A 103 21.60 -20.66 -7.99
C LEU A 103 20.10 -20.94 -7.84
N THR A 104 19.62 -21.90 -8.61
CA THR A 104 18.22 -22.32 -8.57
C THR A 104 18.14 -23.73 -7.98
N ILE A 105 17.17 -23.94 -7.09
CA ILE A 105 16.88 -25.24 -6.47
C ILE A 105 15.42 -25.61 -6.78
N ARG A 106 15.20 -26.74 -7.44
CA ARG A 106 13.84 -27.13 -7.86
C ARG A 106 13.46 -28.52 -7.36
N ASN A 107 12.19 -28.68 -7.02
CA ASN A 107 11.56 -30.00 -7.04
C ASN A 107 10.76 -30.08 -8.33
N ASP A 108 11.16 -31.02 -9.19
CA ASP A 108 10.58 -31.17 -10.52
C ASP A 108 9.35 -32.07 -10.59
N PHE A 109 8.79 -32.44 -9.44
CA PHE A 109 7.53 -33.19 -9.43
C PHE A 109 6.48 -32.43 -10.23
N ASP A 110 5.96 -33.08 -11.27
CA ASP A 110 5.02 -32.44 -12.20
C ASP A 110 3.62 -32.51 -11.61
N PHE A 111 3.33 -31.55 -10.72
CA PHE A 111 2.04 -31.51 -10.05
C PHE A 111 0.85 -31.43 -11.03
N PRO A 112 0.90 -30.50 -12.01
CA PRO A 112 -0.21 -30.40 -12.97
C PRO A 112 -0.44 -31.69 -13.79
N ALA A 113 0.63 -32.37 -14.20
CA ALA A 113 0.48 -33.63 -14.94
C ALA A 113 -0.13 -34.71 -14.05
N ASN A 114 0.28 -34.73 -12.78
CA ASN A 114 -0.28 -35.64 -11.79
C ASN A 114 -1.79 -35.42 -11.58
N GLN A 115 -2.19 -34.16 -11.42
CA GLN A 115 -3.60 -33.82 -11.22
C GLN A 115 -4.45 -34.13 -12.46
N ALA A 116 -3.84 -34.06 -13.65
CA ALA A 116 -4.54 -34.36 -14.90
C ALA A 116 -4.76 -35.86 -15.13
N LYS A 117 -4.06 -36.71 -14.39
CA LYS A 117 -4.23 -38.16 -14.51
C LYS A 117 -5.65 -38.56 -14.13
N SER A 118 -6.17 -39.60 -14.79
CA SER A 118 -7.47 -40.17 -14.43
C SER A 118 -7.45 -40.67 -12.98
N ASP A 119 -8.60 -40.60 -12.30
CA ASP A 119 -8.69 -41.00 -10.90
C ASP A 119 -8.41 -42.48 -10.65
N SER A 120 -8.62 -43.32 -11.66
CA SER A 120 -8.35 -44.76 -11.53
C SER A 120 -6.89 -45.12 -11.82
N ASP A 121 -6.10 -44.15 -12.27
CA ASP A 121 -4.68 -44.35 -12.61
C ASP A 121 -3.89 -44.58 -11.31
N SER A 122 -3.32 -45.78 -11.18
CA SER A 122 -2.62 -46.18 -9.96
C SER A 122 -1.38 -45.33 -9.67
N SER A 123 -0.85 -44.67 -10.70
CA SER A 123 0.34 -43.83 -10.57
C SER A 123 -0.01 -42.39 -10.14
N LYS A 124 -1.29 -42.10 -9.99
CA LYS A 124 -1.73 -40.78 -9.53
C LYS A 124 -1.51 -40.64 -8.02
N ILE A 125 -0.69 -39.66 -7.65
CA ILE A 125 -0.26 -39.46 -6.26
C ILE A 125 -1.22 -38.52 -5.53
N LYS A 126 -1.60 -38.90 -4.30
CA LYS A 126 -2.44 -38.07 -3.44
C LYS A 126 -1.62 -37.14 -2.56
N ASP A 127 -0.48 -37.64 -2.09
CA ASP A 127 0.42 -36.86 -1.23
C ASP A 127 1.36 -36.04 -2.08
N THR A 128 0.86 -34.87 -2.50
CA THR A 128 1.45 -34.11 -3.59
C THR A 128 2.49 -33.08 -3.13
N GLN A 129 2.77 -33.00 -1.84
CA GLN A 129 3.85 -32.09 -1.43
C GLN A 129 5.21 -32.53 -1.99
N ALA A 130 5.99 -31.56 -2.44
CA ALA A 130 7.26 -31.85 -3.12
C ALA A 130 8.23 -30.71 -2.86
N VAL A 131 9.02 -30.89 -1.80
CA VAL A 131 9.84 -29.83 -1.24
C VAL A 131 11.10 -29.59 -2.09
N ALA A 132 11.37 -28.32 -2.41
CA ALA A 132 12.64 -27.95 -3.05
C ALA A 132 13.77 -27.81 -2.02
N LEU A 133 13.51 -27.06 -0.95
CA LEU A 133 14.49 -26.78 0.09
C LEU A 133 13.90 -26.96 1.49
N TYR A 134 14.65 -27.66 2.33
CA TYR A 134 14.22 -28.00 3.69
C TYR A 134 15.37 -27.62 4.63
N VAL A 135 15.09 -26.67 5.53
CA VAL A 135 16.00 -26.34 6.63
C VAL A 135 15.46 -27.04 7.88
N THR A 136 16.25 -27.95 8.45
CA THR A 136 15.77 -28.83 9.53
C THR A 136 15.92 -28.21 10.93
N LYS A 137 15.44 -28.95 11.95
CA LYS A 137 15.62 -28.54 13.35
C LYS A 137 17.08 -28.32 13.71
N SER A 138 17.99 -28.95 12.96
CA SER A 138 19.43 -28.82 13.17
C SER A 138 20.03 -27.61 12.47
N GLY A 139 19.28 -27.05 11.52
CA GLY A 139 19.72 -25.87 10.81
C GLY A 139 19.53 -24.61 11.64
N ASP A 140 20.55 -23.76 11.59
CA ASP A 140 20.48 -22.41 12.15
C ASP A 140 21.50 -21.58 11.36
N ARG A 141 21.17 -20.30 11.14
CA ARG A 141 22.03 -19.35 10.44
C ARG A 141 22.28 -19.79 8.98
N ALA A 142 21.18 -20.05 8.26
CA ALA A 142 21.21 -20.47 6.86
C ALA A 142 20.87 -19.29 5.97
N TYR A 143 21.79 -18.93 5.09
CA TYR A 143 21.69 -17.71 4.30
C TYR A 143 21.55 -18.02 2.81
N PHE A 144 20.49 -17.49 2.21
CA PHE A 144 20.20 -17.71 0.79
C PHE A 144 20.09 -16.38 0.06
N LYS A 145 21.09 -16.07 -0.76
CA LYS A 145 21.11 -14.82 -1.51
C LYS A 145 21.10 -15.07 -3.01
N ASP A 146 20.25 -14.34 -3.73
CA ASP A 146 20.09 -14.47 -5.19
C ASP A 146 19.82 -15.94 -5.57
N VAL A 147 18.85 -16.54 -4.89
CA VAL A 147 18.51 -17.93 -5.08
C VAL A 147 17.07 -18.00 -5.62
N SER A 148 16.81 -18.97 -6.49
CA SER A 148 15.44 -19.26 -6.94
C SER A 148 15.00 -20.63 -6.41
N LEU A 149 13.81 -20.69 -5.82
CA LEU A 149 13.26 -21.94 -5.31
C LEU A 149 12.00 -22.28 -6.08
N VAL A 150 11.96 -23.49 -6.62
CA VAL A 150 10.90 -23.89 -7.56
C VAL A 150 10.11 -25.11 -7.08
N GLY A 151 8.79 -24.97 -7.00
CA GLY A 151 7.92 -26.10 -6.74
C GLY A 151 6.46 -25.72 -6.92
N TYR A 152 5.56 -26.61 -6.47
CA TYR A 152 4.13 -26.32 -6.44
C TYR A 152 3.68 -26.37 -4.98
N GLN A 153 3.24 -27.54 -4.52
CA GLN A 153 2.87 -27.69 -3.12
C GLN A 153 4.11 -27.85 -2.24
N ALA A 154 4.21 -27.03 -1.20
CA ALA A 154 5.23 -27.18 -0.13
C ALA A 154 6.67 -26.96 -0.59
N THR A 155 6.88 -25.97 -1.46
CA THR A 155 8.21 -25.64 -2.00
C THR A 155 9.32 -25.44 -0.94
N LEU A 156 9.06 -24.58 0.05
CA LEU A 156 10.06 -24.26 1.06
C LEU A 156 9.64 -24.65 2.48
N TYR A 157 10.42 -25.54 3.08
CA TYR A 157 10.18 -26.07 4.42
C TYR A 157 11.21 -25.46 5.36
N VAL A 158 10.79 -24.47 6.17
CA VAL A 158 11.69 -23.82 7.13
C VAL A 158 11.39 -24.23 8.57
N SER A 159 12.28 -25.07 9.10
CA SER A 159 12.16 -25.54 10.48
C SER A 159 13.41 -25.07 11.24
N GLY A 160 13.53 -25.46 12.51
CA GLY A 160 14.73 -25.16 13.29
C GLY A 160 14.91 -23.70 13.64
N GLY A 161 16.10 -23.17 13.36
CA GLY A 161 16.49 -21.85 13.82
C GLY A 161 16.20 -20.76 12.80
N ARG A 162 17.20 -19.91 12.57
CA ARG A 162 17.08 -18.74 11.70
C ARG A 162 17.58 -18.97 10.29
N SER A 163 16.80 -18.53 9.32
CA SER A 163 17.16 -18.54 7.92
C SER A 163 16.85 -17.19 7.32
N PHE A 164 17.71 -16.74 6.39
CA PHE A 164 17.56 -15.44 5.72
C PHE A 164 17.60 -15.59 4.20
N PHE A 165 16.55 -15.09 3.56
CA PHE A 165 16.39 -15.15 2.12
C PHE A 165 16.40 -13.73 1.60
N SER A 166 17.32 -13.44 0.69
CA SER A 166 17.57 -12.09 0.20
C SER A 166 17.68 -12.08 -1.34
N ASP A 167 16.96 -11.17 -2.00
CA ASP A 167 16.97 -11.05 -3.47
C ASP A 167 16.57 -12.37 -4.14
N CYS A 168 15.53 -12.99 -3.61
CA CYS A 168 15.17 -14.37 -3.97
C CYS A 168 13.88 -14.47 -4.79
N ARG A 169 13.68 -15.62 -5.42
CA ARG A 169 12.41 -15.97 -6.10
C ARG A 169 11.93 -17.29 -5.53
N ILE A 170 10.70 -17.30 -5.03
CA ILE A 170 10.09 -18.53 -4.53
C ILE A 170 8.74 -18.70 -5.21
N SER A 171 8.54 -19.85 -5.83
CA SER A 171 7.29 -20.13 -6.53
C SER A 171 6.59 -21.35 -5.94
N GLY A 172 5.26 -21.35 -6.03
CA GLY A 172 4.45 -22.45 -5.52
C GLY A 172 2.97 -22.22 -5.61
N THR A 173 2.22 -23.17 -5.04
CA THR A 173 0.77 -23.15 -5.01
C THR A 173 0.29 -23.21 -3.56
N VAL A 174 0.32 -24.41 -2.98
CA VAL A 174 -0.27 -24.65 -1.66
C VAL A 174 0.80 -24.75 -0.57
N ASP A 175 0.67 -23.89 0.45
CA ASP A 175 1.58 -23.86 1.60
C ASP A 175 3.05 -23.78 1.20
N PHE A 176 3.38 -22.93 0.21
CA PHE A 176 4.73 -23.04 -0.39
C PHE A 176 5.89 -22.46 0.42
N ILE A 177 5.57 -21.75 1.51
CA ILE A 177 6.52 -21.47 2.59
C ILE A 177 5.85 -21.94 3.88
N PHE A 178 6.41 -22.95 4.53
CA PHE A 178 5.76 -23.56 5.69
C PHE A 178 6.77 -24.01 6.74
N GLY A 179 6.31 -24.11 7.98
CA GLY A 179 7.13 -24.64 9.07
C GLY A 179 7.28 -23.72 10.26
N ASP A 180 8.10 -24.13 11.21
CA ASP A 180 8.16 -23.50 12.53
C ASP A 180 9.45 -22.68 12.75
N GLY A 181 10.25 -22.52 11.70
CA GLY A 181 11.50 -21.77 11.84
C GLY A 181 11.31 -20.26 11.91
N THR A 182 12.40 -19.57 12.22
CA THR A 182 12.48 -18.12 12.05
C THR A 182 13.07 -17.84 10.65
N ALA A 183 12.23 -17.37 9.73
CA ALA A 183 12.62 -17.21 8.34
C ALA A 183 12.29 -15.80 7.87
N LEU A 184 13.34 -15.02 7.62
CA LEU A 184 13.20 -13.65 7.15
C LEU A 184 13.44 -13.56 5.65
N PHE A 185 12.53 -12.89 4.95
CA PHE A 185 12.62 -12.73 3.51
C PHE A 185 12.70 -11.25 3.21
N ASN A 186 13.73 -10.84 2.48
CA ASN A 186 13.85 -9.45 2.07
C ASN A 186 14.12 -9.29 0.59
N ASN A 187 13.33 -8.43 -0.06
CA ASN A 187 13.43 -8.17 -1.50
C ASN A 187 13.25 -9.45 -2.33
N CYS A 188 12.23 -10.23 -1.98
CA CYS A 188 11.94 -11.48 -2.65
C CYS A 188 10.71 -11.39 -3.54
N ASP A 189 10.69 -12.19 -4.61
CA ASP A 189 9.50 -12.35 -5.43
C ASP A 189 8.83 -13.65 -5.03
N LEU A 190 7.62 -13.56 -4.50
CA LEU A 190 6.86 -14.75 -4.13
C LEU A 190 5.78 -14.99 -5.19
N VAL A 191 5.95 -16.07 -5.96
CA VAL A 191 5.19 -16.28 -7.19
C VAL A 191 4.11 -17.36 -7.03
N SER A 192 2.85 -16.92 -7.07
CA SER A 192 1.71 -17.83 -6.94
C SER A 192 1.37 -18.42 -8.31
N ARG A 193 1.32 -19.76 -8.40
CA ARG A 193 1.24 -20.44 -9.70
C ARG A 193 -0.17 -20.82 -10.14
N TYR A 194 -0.38 -20.92 -11.45
CA TYR A 194 -1.67 -21.29 -12.01
C TYR A 194 -2.02 -22.75 -11.74
N ARG A 195 -3.27 -22.99 -11.32
CA ARG A 195 -3.76 -24.36 -11.14
C ARG A 195 -4.89 -24.70 -12.11
N ALA A 196 -4.57 -25.56 -13.07
CA ALA A 196 -5.52 -26.01 -14.08
C ALA A 196 -6.63 -26.89 -13.47
N ASP A 197 -6.33 -27.48 -12.32
CA ASP A 197 -7.21 -28.48 -11.72
C ASP A 197 -8.27 -27.90 -10.76
N VAL A 198 -8.21 -26.59 -10.52
CA VAL A 198 -9.11 -25.93 -9.57
C VAL A 198 -10.29 -25.27 -10.30
N LYS A 199 -11.51 -25.60 -9.86
CA LYS A 199 -12.74 -25.04 -10.42
C LYS A 199 -12.84 -23.55 -10.15
N SER A 200 -13.40 -22.83 -11.10
CA SER A 200 -13.76 -21.42 -10.91
C SER A 200 -14.54 -21.27 -9.61
N GLY A 201 -14.14 -20.32 -8.78
CA GLY A 201 -14.78 -20.12 -7.48
C GLY A 201 -14.12 -20.78 -6.29
N ASN A 202 -13.23 -21.74 -6.55
CA ASN A 202 -12.49 -22.45 -5.50
C ASN A 202 -11.08 -21.85 -5.31
N VAL A 203 -10.50 -22.04 -4.13
CA VAL A 203 -9.16 -21.51 -3.82
C VAL A 203 -8.03 -22.30 -4.52
N SER A 204 -7.05 -21.59 -5.07
CA SER A 204 -5.88 -22.23 -5.69
C SER A 204 -4.76 -22.56 -4.69
N GLY A 205 -4.48 -21.66 -3.75
CA GLY A 205 -3.42 -21.92 -2.77
C GLY A 205 -3.21 -20.91 -1.68
N TYR A 206 -2.07 -21.05 -0.99
CA TYR A 206 -1.70 -20.24 0.19
C TYR A 206 -0.20 -20.01 0.14
N LEU A 207 0.23 -18.76 0.29
CA LEU A 207 1.67 -18.45 0.32
C LEU A 207 2.38 -19.12 1.50
N THR A 208 1.79 -19.01 2.70
CA THR A 208 2.43 -19.50 3.92
C THR A 208 1.56 -20.48 4.72
N ALA A 209 2.22 -21.39 5.42
CA ALA A 209 1.57 -22.23 6.42
C ALA A 209 2.50 -22.35 7.64
N PRO A 210 2.54 -21.29 8.47
CA PRO A 210 3.47 -21.31 9.59
C PRO A 210 2.96 -22.22 10.71
N SER A 211 3.90 -22.86 11.41
CA SER A 211 3.61 -23.72 12.56
C SER A 211 4.44 -23.27 13.77
N THR A 212 4.82 -22.01 13.76
CA THR A 212 5.58 -21.37 14.84
C THR A 212 5.01 -21.68 16.24
N ASN A 213 5.85 -22.20 17.12
CA ASN A 213 5.43 -22.41 18.51
C ASN A 213 5.09 -21.05 19.12
N ILE A 214 4.00 -21.02 19.89
CA ILE A 214 3.51 -19.80 20.51
C ILE A 214 4.57 -19.07 21.37
N ASN A 215 5.53 -19.82 21.93
CA ASN A 215 6.58 -19.21 22.76
C ASN A 215 7.77 -18.65 21.97
N GLN A 216 7.82 -18.97 20.67
CA GLN A 216 8.83 -18.43 19.76
C GLN A 216 8.39 -17.06 19.22
N LYS A 217 9.27 -16.08 19.37
CA LYS A 217 8.96 -14.69 19.07
C LYS A 217 8.69 -14.43 17.59
N TYR A 218 9.49 -15.03 16.70
CA TYR A 218 9.37 -14.78 15.27
C TYR A 218 9.22 -16.06 14.45
N GLY A 219 8.28 -16.03 13.50
CA GLY A 219 8.10 -17.11 12.54
C GLY A 219 8.50 -16.63 11.15
N LEU A 220 7.52 -16.52 10.26
CA LEU A 220 7.78 -16.12 8.88
C LEU A 220 7.57 -14.62 8.75
N VAL A 221 8.66 -13.90 8.46
CA VAL A 221 8.64 -12.43 8.32
C VAL A 221 9.07 -12.06 6.90
N ILE A 222 8.17 -11.41 6.16
CA ILE A 222 8.41 -11.06 4.77
C ILE A 222 8.46 -9.53 4.64
N THR A 223 9.59 -9.01 4.17
CA THR A 223 9.81 -7.56 4.15
C THR A 223 10.23 -7.08 2.77
N ASN A 224 9.77 -5.89 2.38
CA ASN A 224 10.18 -5.24 1.11
C ASN A 224 10.11 -6.17 -0.10
N SER A 225 9.07 -7.00 -0.16
CA SER A 225 8.98 -8.01 -1.20
C SER A 225 7.83 -7.79 -2.18
N ARG A 226 7.65 -8.73 -3.10
CA ARG A 226 6.59 -8.65 -4.08
C ARG A 226 5.85 -9.99 -4.15
N VAL A 227 4.54 -9.93 -3.96
CA VAL A 227 3.65 -11.08 -3.98
C VAL A 227 2.92 -11.02 -5.31
N ILE A 228 3.33 -11.89 -6.24
CA ILE A 228 2.92 -11.75 -7.64
C ILE A 228 2.29 -13.01 -8.23
N ARG A 229 1.47 -12.84 -9.26
CA ARG A 229 0.92 -13.99 -9.98
C ARG A 229 1.86 -14.45 -11.09
N GLU A 230 1.91 -15.75 -11.30
CA GLU A 230 2.70 -16.37 -12.35
C GLU A 230 2.24 -15.93 -13.75
N SER A 231 0.94 -15.73 -13.90
CA SER A 231 0.34 -15.42 -15.19
C SER A 231 -1.00 -14.73 -14.99
N ASP A 232 -1.51 -14.16 -16.08
CA ASP A 232 -2.81 -13.50 -16.04
C ASP A 232 -3.96 -14.48 -15.85
N SER A 233 -3.67 -15.77 -15.96
CA SER A 233 -4.69 -16.82 -15.78
C SER A 233 -4.95 -17.17 -14.30
N VAL A 234 -4.07 -16.72 -13.41
CA VAL A 234 -4.30 -16.87 -11.97
C VAL A 234 -5.44 -15.91 -11.58
N PRO A 235 -6.59 -16.47 -11.17
CA PRO A 235 -7.76 -15.61 -10.91
C PRO A 235 -7.58 -14.61 -9.76
N ALA A 236 -8.35 -13.54 -9.80
CA ALA A 236 -8.44 -12.64 -8.67
C ALA A 236 -8.98 -13.41 -7.46
N LYS A 237 -8.49 -13.08 -6.28
CA LYS A 237 -8.96 -13.68 -5.02
C LYS A 237 -8.87 -15.22 -4.98
N SER A 238 -7.76 -15.75 -5.50
CA SER A 238 -7.52 -17.20 -5.56
C SER A 238 -6.50 -17.69 -4.53
N TYR A 239 -5.75 -16.76 -3.95
CA TYR A 239 -4.67 -17.09 -3.02
C TYR A 239 -4.78 -16.45 -1.65
N GLY A 240 -4.53 -17.25 -0.61
CA GLY A 240 -4.44 -16.75 0.75
C GLY A 240 -3.01 -16.39 1.11
N LEU A 241 -2.85 -15.38 1.96
CA LEU A 241 -1.51 -14.99 2.48
C LEU A 241 -0.95 -16.05 3.43
N GLY A 242 -1.85 -16.78 4.08
CA GLY A 242 -1.45 -17.82 5.03
C GLY A 242 -2.64 -18.57 5.59
N ARG A 243 -2.38 -19.79 6.06
CA ARG A 243 -3.31 -20.53 6.91
C ARG A 243 -2.50 -21.22 8.03
N PRO A 244 -3.14 -21.48 9.18
CA PRO A 244 -2.40 -21.96 10.35
C PRO A 244 -2.15 -23.47 10.35
N TRP A 245 -0.89 -23.86 10.17
CA TRP A 245 -0.52 -25.27 10.22
C TRP A 245 -0.20 -25.71 11.64
N HIS A 246 -1.05 -26.60 12.16
CA HIS A 246 -0.83 -27.28 13.44
C HIS A 246 -0.47 -28.72 13.11
N PRO A 247 0.85 -29.00 12.98
CA PRO A 247 1.31 -30.30 12.49
C PRO A 247 0.88 -31.45 13.41
N THR A 248 0.57 -32.59 12.79
CA THR A 248 0.35 -33.80 13.55
C THR A 248 1.65 -34.11 14.28
N THR A 249 1.55 -34.28 15.59
CA THR A 249 2.69 -34.40 16.49
C THR A 249 2.42 -35.49 17.53
N THR A 250 3.44 -36.29 17.83
CA THR A 250 3.33 -37.31 18.89
C THR A 250 3.48 -36.72 20.28
N PHE A 251 2.42 -36.87 21.07
CA PHE A 251 2.40 -36.44 22.46
C PHE A 251 2.25 -37.68 23.35
N SER A 252 2.39 -37.47 24.66
CA SER A 252 2.22 -38.55 25.62
C SER A 252 0.80 -39.14 25.56
N ASP A 253 -0.20 -38.33 25.18
CA ASP A 253 -1.60 -38.77 25.10
C ASP A 253 -2.08 -38.99 23.66
N GLY A 254 -1.13 -39.24 22.75
CA GLY A 254 -1.45 -39.59 21.37
C GLY A 254 -0.85 -38.70 20.31
N ARG A 255 -1.23 -38.98 19.07
CA ARG A 255 -0.69 -38.26 17.92
C ARG A 255 -1.79 -37.41 17.24
N TYR A 256 -1.62 -36.10 17.26
CA TYR A 256 -2.67 -35.17 16.80
C TYR A 256 -2.11 -33.76 16.52
N ALA A 257 -2.96 -32.88 16.00
CA ALA A 257 -2.54 -31.53 15.63
C ALA A 257 -2.05 -30.77 16.87
N ASP A 258 -0.84 -30.24 16.78
CA ASP A 258 -0.20 -29.54 17.90
C ASP A 258 -0.98 -28.25 18.22
N PRO A 259 -1.62 -28.18 19.41
CA PRO A 259 -2.40 -26.98 19.74
C PRO A 259 -1.55 -25.72 19.95
N ASN A 260 -0.28 -25.91 20.30
CA ASN A 260 0.61 -24.77 20.58
C ASN A 260 1.39 -24.26 19.36
N ALA A 261 1.19 -24.90 18.21
CA ALA A 261 1.76 -24.41 16.96
C ALA A 261 0.86 -23.31 16.39
N ILE A 262 0.96 -22.12 16.98
CA ILE A 262 0.14 -20.98 16.58
C ILE A 262 1.01 -20.06 15.74
N GLY A 263 0.96 -20.29 14.43
CA GLY A 263 1.94 -19.75 13.48
C GLY A 263 1.93 -18.25 13.32
N GLN A 264 3.10 -17.69 12.99
CA GLN A 264 3.24 -16.28 12.68
C GLN A 264 3.67 -16.07 11.24
N THR A 265 2.89 -15.27 10.51
CA THR A 265 3.30 -14.70 9.24
C THR A 265 3.06 -13.19 9.31
N VAL A 266 4.11 -12.43 9.07
CA VAL A 266 4.02 -10.97 9.06
C VAL A 266 4.60 -10.42 7.76
N PHE A 267 3.78 -9.64 7.04
CA PHE A 267 4.20 -8.95 5.82
C PHE A 267 4.41 -7.48 6.15
N LEU A 268 5.58 -6.95 5.80
CA LEU A 268 5.86 -5.51 5.96
C LEU A 268 6.34 -4.89 4.64
N ASN A 269 5.79 -3.74 4.29
CA ASN A 269 6.18 -3.01 3.07
C ASN A 269 6.24 -3.88 1.81
N THR A 270 5.21 -4.70 1.61
CA THR A 270 5.20 -5.72 0.56
C THR A 270 4.08 -5.47 -0.43
N SER A 271 4.38 -5.55 -1.73
CA SER A 271 3.35 -5.40 -2.74
C SER A 271 2.60 -6.71 -2.99
N MET A 272 1.31 -6.59 -3.27
CA MET A 272 0.43 -7.75 -3.46
C MET A 272 -0.50 -7.48 -4.64
N ASP A 273 -0.53 -8.40 -5.60
CA ASP A 273 -1.49 -8.32 -6.71
C ASP A 273 -2.85 -8.85 -6.26
N ASN A 274 -3.88 -8.67 -7.08
CA ASN A 274 -5.23 -8.97 -6.63
C ASN A 274 -5.63 -10.44 -6.60
N HIS A 275 -4.69 -11.36 -6.84
CA HIS A 275 -4.93 -12.78 -6.60
C HIS A 275 -5.11 -13.08 -5.10
N ILE A 276 -4.61 -12.17 -4.25
CA ILE A 276 -4.69 -12.30 -2.80
C ILE A 276 -6.08 -11.91 -2.28
N TYR A 277 -6.71 -12.80 -1.51
CA TYR A 277 -8.00 -12.47 -0.88
C TYR A 277 -7.88 -12.14 0.61
N GLY A 278 -6.78 -12.56 1.23
CA GLY A 278 -6.59 -12.41 2.67
C GLY A 278 -6.07 -13.68 3.32
N TRP A 279 -6.43 -13.91 4.58
CA TRP A 279 -5.97 -15.08 5.33
C TRP A 279 -7.03 -16.20 5.27
N ASP A 280 -6.65 -17.41 5.68
CA ASP A 280 -7.59 -18.52 5.65
C ASP A 280 -7.40 -19.47 6.83
N LYS A 281 -8.36 -20.36 7.01
CA LYS A 281 -8.30 -21.37 8.08
C LYS A 281 -7.70 -22.67 7.55
N MET A 282 -7.41 -23.61 8.46
CA MET A 282 -6.88 -24.91 8.10
C MET A 282 -7.34 -25.93 9.13
N SER A 283 -7.56 -27.15 8.69
CA SER A 283 -8.04 -28.20 9.60
C SER A 283 -6.93 -29.18 9.97
N GLY A 284 -7.11 -29.81 11.12
CA GLY A 284 -6.30 -30.95 11.54
C GLY A 284 -7.19 -31.97 12.23
N LYS A 285 -6.57 -32.97 12.85
CA LYS A 285 -7.28 -33.94 13.69
C LYS A 285 -6.92 -33.71 15.15
N ASP A 286 -7.92 -33.68 16.04
CA ASP A 286 -7.67 -33.47 17.47
C ASP A 286 -7.31 -34.75 18.22
N LYS A 287 -7.16 -34.66 19.55
CA LYS A 287 -6.77 -35.78 20.39
C LYS A 287 -7.76 -36.96 20.36
N ASN A 288 -8.99 -36.69 19.94
CA ASN A 288 -10.06 -37.70 19.90
C ASN A 288 -10.29 -38.31 18.51
N GLY A 289 -9.58 -37.78 17.52
CA GLY A 289 -9.75 -38.21 16.13
C GLY A 289 -10.76 -37.39 15.34
N ASN A 290 -11.30 -36.34 15.94
CA ASN A 290 -12.25 -35.45 15.25
C ASN A 290 -11.54 -34.33 14.48
N THR A 291 -12.15 -33.93 13.38
CA THR A 291 -11.72 -32.76 12.63
C THR A 291 -11.81 -31.54 13.54
N ILE A 292 -10.74 -30.74 13.53
CA ILE A 292 -10.68 -29.47 14.27
C ILE A 292 -10.22 -28.39 13.30
N TRP A 293 -10.85 -27.21 13.38
CA TRP A 293 -10.48 -26.08 12.53
C TRP A 293 -9.69 -25.04 13.30
N PHE A 294 -8.61 -24.58 12.69
CA PHE A 294 -7.78 -23.52 13.25
C PHE A 294 -7.96 -22.25 12.42
N ASN A 295 -8.36 -21.18 13.09
CA ASN A 295 -8.78 -19.96 12.42
C ASN A 295 -7.68 -18.90 12.36
N PRO A 296 -7.66 -18.10 11.27
CA PRO A 296 -6.63 -17.06 11.12
C PRO A 296 -6.70 -15.98 12.21
N GLU A 297 -7.89 -15.68 12.71
CA GLU A 297 -8.06 -14.64 13.75
C GLU A 297 -7.43 -15.06 15.10
N ASP A 298 -7.22 -16.37 15.27
CA ASP A 298 -6.54 -16.91 16.45
C ASP A 298 -5.03 -17.09 16.23
N SER A 299 -4.58 -16.77 15.03
CA SER A 299 -3.17 -16.95 14.67
C SER A 299 -2.45 -15.61 14.67
N ARG A 300 -1.12 -15.65 14.54
CA ARG A 300 -0.33 -14.41 14.53
C ARG A 300 -0.10 -13.92 13.10
N PHE A 301 -1.19 -13.49 12.44
CA PHE A 301 -1.18 -13.10 11.03
C PHE A 301 -1.35 -11.58 10.91
N PHE A 302 -0.30 -10.89 10.47
CA PHE A 302 -0.33 -9.42 10.43
C PHE A 302 0.28 -8.83 9.16
N GLU A 303 -0.13 -7.60 8.84
CA GLU A 303 0.44 -6.84 7.74
C GLU A 303 0.84 -5.44 8.19
N TYR A 304 1.77 -4.83 7.48
CA TYR A 304 2.16 -3.45 7.70
C TYR A 304 2.49 -2.79 6.38
N LYS A 305 1.69 -1.78 6.02
CA LYS A 305 1.87 -0.99 4.80
C LYS A 305 2.04 -1.82 3.51
N SER A 306 1.14 -2.78 3.31
CA SER A 306 1.06 -3.51 2.05
C SER A 306 0.55 -2.54 0.98
N TYR A 307 0.87 -2.83 -0.28
CA TYR A 307 0.40 -2.01 -1.38
C TYR A 307 0.14 -2.89 -2.61
N GLY A 308 -0.47 -2.29 -3.64
CA GLY A 308 -0.94 -3.05 -4.79
C GLY A 308 -2.38 -3.49 -4.60
N ALA A 309 -3.00 -3.96 -5.69
CA ALA A 309 -4.43 -4.30 -5.72
C ALA A 309 -4.90 -5.36 -4.72
N GLY A 310 -3.99 -6.22 -4.25
CA GLY A 310 -4.34 -7.21 -3.22
C GLY A 310 -4.19 -6.74 -1.78
N ALA A 311 -3.83 -5.48 -1.59
CA ALA A 311 -3.61 -4.92 -0.26
C ALA A 311 -4.84 -4.18 0.27
N THR A 312 -5.86 -4.90 0.68
CA THR A 312 -7.01 -4.28 1.31
C THR A 312 -6.90 -4.36 2.83
N VAL A 313 -7.38 -3.31 3.50
CA VAL A 313 -7.37 -3.24 4.95
C VAL A 313 -8.80 -3.42 5.45
N SER A 314 -9.00 -4.43 6.28
CA SER A 314 -10.30 -4.72 6.90
C SER A 314 -10.07 -5.35 8.27
N LYS A 315 -11.17 -5.60 9.00
CA LYS A 315 -11.12 -6.25 10.32
C LYS A 315 -10.56 -7.68 10.25
N ASP A 316 -10.62 -8.30 9.08
CA ASP A 316 -10.09 -9.64 8.85
C ASP A 316 -8.62 -9.61 8.41
N ARG A 317 -8.07 -8.41 8.29
CA ARG A 317 -6.65 -8.25 7.96
C ARG A 317 -6.00 -7.26 8.91
N ARG A 318 -5.56 -7.77 10.05
CA ARG A 318 -4.98 -6.95 11.13
C ARG A 318 -3.69 -6.26 10.70
N GLN A 319 -3.54 -5.03 11.16
CA GLN A 319 -2.42 -4.18 10.80
C GLN A 319 -1.57 -3.85 12.01
N LEU A 320 -0.27 -3.84 11.83
CA LEU A 320 0.67 -3.38 12.85
C LEU A 320 0.69 -1.86 12.94
N THR A 321 0.85 -1.35 14.16
CA THR A 321 1.20 0.06 14.37
C THR A 321 2.66 0.27 13.96
N ASP A 322 3.05 1.54 13.77
CA ASP A 322 4.44 1.92 13.52
C ASP A 322 5.39 1.36 14.57
N ALA A 323 5.01 1.46 15.85
CA ALA A 323 5.83 0.96 16.96
C ALA A 323 5.96 -0.56 16.91
N GLN A 324 4.86 -1.24 16.58
CA GLN A 324 4.85 -2.70 16.44
C GLN A 324 5.74 -3.17 15.27
N ALA A 325 5.67 -2.43 14.16
CA ALA A 325 6.47 -2.73 12.97
C ALA A 325 7.98 -2.64 13.23
N ALA A 326 8.35 -1.74 14.14
CA ALA A 326 9.75 -1.57 14.55
C ALA A 326 10.33 -2.81 15.26
N GLU A 327 9.46 -3.74 15.64
CA GLU A 327 9.93 -4.99 16.24
C GLU A 327 10.33 -6.03 15.20
N TYR A 328 10.16 -5.70 13.92
CA TYR A 328 10.41 -6.67 12.84
C TYR A 328 11.58 -6.29 11.93
N THR A 329 12.54 -5.53 12.46
CA THR A 329 13.79 -5.23 11.75
C THR A 329 14.64 -6.49 11.66
N GLN A 330 15.60 -6.51 10.75
CA GLN A 330 16.52 -7.64 10.61
C GLN A 330 17.28 -7.91 11.91
N SER A 331 17.68 -6.84 12.58
CA SER A 331 18.45 -6.92 13.81
C SER A 331 17.67 -7.64 14.91
N LYS A 332 16.38 -7.33 15.04
CA LYS A 332 15.51 -7.98 16.01
C LYS A 332 15.14 -9.40 15.65
N VAL A 333 14.83 -9.64 14.37
CA VAL A 333 14.40 -10.97 13.92
C VAL A 333 15.55 -11.99 13.96
N LEU A 334 16.73 -11.59 13.49
CA LEU A 334 17.89 -12.49 13.44
C LEU A 334 18.78 -12.47 14.69
N GLY A 335 18.56 -11.51 15.57
CA GLY A 335 19.34 -11.38 16.81
C GLY A 335 20.82 -11.12 16.59
N ASP A 336 21.66 -11.92 17.24
CA ASP A 336 23.12 -11.76 17.16
C ASP A 336 23.75 -12.18 15.82
N TRP A 337 22.95 -12.76 14.92
CA TRP A 337 23.49 -13.26 13.66
C TRP A 337 23.41 -12.21 12.55
N THR A 338 24.57 -11.90 11.98
CA THR A 338 24.65 -11.07 10.79
C THR A 338 25.00 -11.98 9.60
N PRO A 339 24.03 -12.22 8.70
CA PRO A 339 24.28 -13.07 7.53
C PRO A 339 25.40 -12.48 6.68
N THR A 340 26.41 -13.29 6.38
CA THR A 340 27.56 -12.86 5.58
C THR A 340 27.94 -13.97 4.60
N LEU A 341 28.40 -13.58 3.41
CA LEU A 341 28.87 -14.53 2.43
C LEU A 341 30.39 -14.61 2.49
N PRO A 342 30.97 -15.77 2.09
CA PRO A 342 32.43 -15.93 2.14
C PRO A 342 33.17 -14.96 1.23
N ALA B 1 -0.48 30.70 27.53
CA ALA B 1 -1.25 31.98 27.41
C ALA B 1 -2.13 31.99 26.16
N THR B 2 -3.44 31.93 26.38
CA THR B 2 -4.43 31.98 25.30
C THR B 2 -5.57 32.93 25.66
N THR B 3 -5.72 33.98 24.85
CA THR B 3 -6.72 35.02 25.10
C THR B 3 -7.45 35.41 23.81
N TYR B 4 -8.75 35.64 23.93
CA TYR B 4 -9.60 35.93 22.77
C TYR B 4 -10.04 37.38 22.72
N ASN B 5 -10.05 37.95 21.52
CA ASN B 5 -10.53 39.31 21.30
C ASN B 5 -12.06 39.37 21.16
N ALA B 6 -12.66 38.26 20.74
CA ALA B 6 -14.12 38.18 20.59
C ALA B 6 -14.60 36.73 20.74
N VAL B 7 -15.84 36.57 21.19
CA VAL B 7 -16.44 35.26 21.35
C VAL B 7 -17.81 35.20 20.66
N VAL B 8 -18.03 34.15 19.88
CA VAL B 8 -19.28 33.92 19.18
C VAL B 8 -20.01 32.72 19.81
N SER B 9 -21.30 32.87 20.09
CA SER B 9 -22.12 31.75 20.56
C SER B 9 -23.58 31.86 20.14
N LYS B 10 -24.28 30.74 20.21
CA LYS B 10 -25.71 30.67 19.92
C LYS B 10 -26.55 31.17 21.08
N SER B 11 -26.00 31.09 22.29
CA SER B 11 -26.71 31.46 23.52
C SER B 11 -26.64 32.95 23.82
N SER B 12 -27.69 33.47 24.45
CA SER B 12 -27.67 34.82 25.04
C SER B 12 -27.28 34.71 26.51
N SER B 13 -27.56 33.54 27.09
CA SER B 13 -27.15 33.18 28.45
C SER B 13 -25.63 33.02 28.57
N ASP B 14 -24.93 33.07 27.43
CA ASP B 14 -23.47 32.96 27.40
C ASP B 14 -22.80 34.24 27.89
N GLY B 15 -23.47 35.38 27.71
CA GLY B 15 -23.00 36.65 28.24
C GLY B 15 -22.70 37.69 27.17
N LYS B 16 -21.47 38.20 27.21
CA LYS B 16 -21.01 39.24 26.28
C LYS B 16 -20.41 38.64 25.00
N THR B 17 -21.25 37.97 24.22
CA THR B 17 -20.83 37.28 23.00
C THR B 17 -21.55 37.80 21.76
N PHE B 18 -20.90 37.66 20.62
CA PHE B 18 -21.52 37.98 19.33
C PHE B 18 -22.44 36.83 18.90
N LYS B 19 -23.49 37.15 18.15
CA LYS B 19 -24.43 36.13 17.68
C LYS B 19 -24.04 35.55 16.32
N THR B 20 -23.36 36.35 15.50
CA THR B 20 -22.85 35.88 14.21
C THR B 20 -21.32 36.05 14.14
N ILE B 21 -20.69 35.20 13.34
CA ILE B 21 -19.25 35.27 13.10
C ILE B 21 -18.87 36.55 12.35
N ALA B 22 -19.69 36.93 11.35
CA ALA B 22 -19.48 38.15 10.57
C ALA B 22 -19.40 39.39 11.46
N ASP B 23 -20.30 39.46 12.46
CA ASP B 23 -20.31 40.57 13.42
C ASP B 23 -19.04 40.63 14.27
N ALA B 24 -18.60 39.47 14.76
CA ALA B 24 -17.34 39.38 15.51
C ALA B 24 -16.11 39.78 14.68
N ILE B 25 -16.05 39.33 13.43
CA ILE B 25 -14.97 39.72 12.51
C ILE B 25 -14.98 41.24 12.24
N ALA B 26 -16.14 41.77 11.89
CA ALA B 26 -16.29 43.18 11.53
C ALA B 26 -15.85 44.09 12.67
N SER B 27 -15.99 43.60 13.90
CA SER B 27 -15.66 44.36 15.09
C SER B 27 -14.17 44.54 15.33
N ALA B 28 -13.34 43.84 14.55
CA ALA B 28 -11.90 43.96 14.66
C ALA B 28 -11.44 45.36 14.25
N PRO B 29 -10.58 45.99 15.07
CA PRO B 29 -10.01 47.29 14.71
C PRO B 29 -9.27 47.18 13.39
N ALA B 30 -9.28 48.24 12.60
CA ALA B 30 -8.53 48.27 11.35
C ALA B 30 -7.04 48.15 11.65
N GLY B 31 -6.30 47.49 10.76
CA GLY B 31 -4.88 47.24 10.99
C GLY B 31 -4.55 45.77 10.90
N SER B 32 -3.48 45.37 11.58
CA SER B 32 -2.89 44.05 11.39
C SER B 32 -2.32 43.43 12.67
N THR B 33 -2.76 43.95 13.82
CA THR B 33 -2.53 43.29 15.11
C THR B 33 -3.36 42.00 15.15
N PRO B 34 -2.84 40.94 15.80
CA PRO B 34 -3.58 39.68 15.81
C PRO B 34 -4.98 39.83 16.44
N PHE B 35 -5.98 39.23 15.80
CA PHE B 35 -7.35 39.24 16.30
C PHE B 35 -7.85 37.80 16.33
N VAL B 36 -8.21 37.33 17.52
CA VAL B 36 -8.54 35.93 17.75
C VAL B 36 -9.98 35.80 18.21
N ILE B 37 -10.75 35.00 17.47
CA ILE B 37 -12.18 34.82 17.72
C ILE B 37 -12.47 33.37 18.09
N LEU B 38 -13.05 33.19 19.27
CA LEU B 38 -13.54 31.88 19.67
C LEU B 38 -14.99 31.70 19.19
N ILE B 39 -15.24 30.57 18.53
CA ILE B 39 -16.57 30.25 18.01
C ILE B 39 -17.12 29.01 18.74
N LYS B 40 -18.14 29.22 19.57
CA LYS B 40 -18.72 28.13 20.36
C LYS B 40 -19.55 27.20 19.47
N ASN B 41 -19.74 25.95 19.93
CA ASN B 41 -20.50 24.94 19.17
C ASN B 41 -21.82 25.43 18.61
N GLY B 42 -22.08 25.09 17.34
CA GLY B 42 -23.31 25.48 16.67
C GLY B 42 -23.12 25.49 15.17
N VAL B 43 -24.24 25.56 14.45
CA VAL B 43 -24.20 25.67 12.99
C VAL B 43 -24.51 27.11 12.61
N TYR B 44 -23.53 27.79 12.05
CA TYR B 44 -23.64 29.19 11.68
C TYR B 44 -23.84 29.34 10.17
N ASN B 45 -25.07 29.66 9.79
CA ASN B 45 -25.45 29.78 8.38
C ASN B 45 -25.00 31.14 7.84
N GLU B 46 -23.77 31.18 7.37
CA GLU B 46 -23.11 32.43 7.03
C GLU B 46 -22.14 32.24 5.88
N ARG B 47 -21.98 33.30 5.09
CA ARG B 47 -20.93 33.36 4.09
C ARG B 47 -20.01 34.52 4.46
N LEU B 48 -18.70 34.26 4.43
CA LEU B 48 -17.72 35.19 4.97
C LEU B 48 -16.64 35.48 3.94
N THR B 49 -16.26 36.76 3.85
CA THR B 49 -15.07 37.16 3.10
C THR B 49 -14.09 37.85 4.05
N ILE B 50 -12.90 37.27 4.18
CA ILE B 50 -11.87 37.77 5.11
C ILE B 50 -10.89 38.69 4.38
N THR B 51 -10.89 39.97 4.74
CA THR B 51 -9.96 40.94 4.15
C THR B 51 -9.00 41.54 5.18
N ARG B 52 -9.16 41.17 6.45
CA ARG B 52 -8.25 41.68 7.47
C ARG B 52 -7.09 40.72 7.71
N ASN B 53 -5.88 41.25 7.69
CA ASN B 53 -4.68 40.47 7.98
C ASN B 53 -4.63 40.04 9.44
N ASN B 54 -3.99 38.90 9.69
CA ASN B 54 -3.72 38.44 11.06
C ASN B 54 -5.01 38.12 11.84
N LEU B 55 -5.99 37.58 11.13
CA LEU B 55 -7.25 37.15 11.74
C LEU B 55 -7.19 35.66 12.01
N HIS B 56 -7.68 35.25 13.17
CA HIS B 56 -7.62 33.85 13.57
C HIS B 56 -8.94 33.37 14.17
N LEU B 57 -9.46 32.27 13.62
CA LEU B 57 -10.71 31.68 14.10
C LEU B 57 -10.43 30.37 14.82
N LYS B 58 -11.07 30.19 15.98
CA LYS B 58 -10.95 28.96 16.74
C LYS B 58 -12.32 28.45 17.13
N GLY B 59 -12.69 27.29 16.59
CA GLY B 59 -13.96 26.65 16.95
C GLY B 59 -13.82 25.85 18.23
N GLU B 60 -14.93 25.68 18.95
CA GLU B 60 -14.94 24.92 20.20
C GLU B 60 -14.55 23.45 19.95
N SER B 61 -15.04 22.91 18.84
CA SER B 61 -14.66 21.56 18.41
C SER B 61 -14.91 21.45 16.91
N ARG B 62 -14.14 20.60 16.23
CA ARG B 62 -14.34 20.37 14.79
C ARG B 62 -15.71 19.76 14.52
N ASN B 63 -16.12 18.84 15.39
CA ASN B 63 -17.41 18.16 15.27
C ASN B 63 -18.59 19.11 15.39
N GLY B 64 -18.50 20.08 16.32
CA GLY B 64 -19.66 20.89 16.71
C GLY B 64 -19.70 22.34 16.24
N ALA B 65 -18.56 22.88 15.82
CA ALA B 65 -18.50 24.26 15.33
C ALA B 65 -18.46 24.28 13.80
N VAL B 66 -19.57 24.71 13.21
CA VAL B 66 -19.77 24.59 11.78
C VAL B 66 -20.16 25.94 11.18
N ILE B 67 -19.50 26.29 10.09
CA ILE B 67 -19.89 27.44 9.27
C ILE B 67 -20.36 26.86 7.93
N ALA B 68 -21.61 27.13 7.56
CA ALA B 68 -22.22 26.48 6.38
C ALA B 68 -23.16 27.39 5.59
N ALA B 69 -23.15 27.21 4.27
CA ALA B 69 -24.09 27.87 3.37
C ALA B 69 -24.18 27.07 2.06
N ALA B 70 -25.36 27.09 1.43
CA ALA B 70 -25.58 26.36 0.18
C ALA B 70 -25.55 27.32 -1.02
N THR B 71 -24.51 27.19 -1.86
CA THR B 71 -24.39 28.02 -3.07
C THR B 71 -23.62 27.28 -4.16
N ALA B 72 -24.26 27.10 -5.31
CA ALA B 72 -23.58 26.54 -6.50
C ALA B 72 -23.16 27.65 -7.46
N ALA B 73 -22.27 27.34 -8.40
CA ALA B 73 -21.83 28.32 -9.39
C ALA B 73 -23.02 28.75 -10.26
N GLY B 74 -23.94 27.81 -10.50
CA GLY B 74 -25.15 28.07 -11.30
C GLY B 74 -26.34 28.61 -10.51
N THR B 75 -26.15 28.85 -9.20
CA THR B 75 -27.15 29.53 -8.39
C THR B 75 -27.24 30.98 -8.89
N LEU B 76 -28.46 31.49 -8.97
CA LEU B 76 -28.68 32.84 -9.53
C LEU B 76 -28.77 33.91 -8.45
N LYS B 77 -28.19 35.06 -8.76
CA LYS B 77 -28.32 36.25 -7.91
C LYS B 77 -29.62 36.99 -8.23
N SER B 78 -29.86 38.07 -7.49
CA SER B 78 -31.03 38.93 -7.71
C SER B 78 -31.13 39.43 -9.15
N ASP B 79 -29.99 39.81 -9.72
CA ASP B 79 -29.94 40.36 -11.08
C ASP B 79 -30.01 39.29 -12.17
N GLY B 80 -30.18 38.03 -11.75
CA GLY B 80 -30.33 36.91 -12.68
C GLY B 80 -29.02 36.33 -13.20
N SER B 81 -27.90 36.86 -12.72
CA SER B 81 -26.60 36.34 -13.10
C SER B 81 -26.15 35.22 -12.15
N LYS B 82 -25.28 34.35 -12.65
CA LYS B 82 -24.75 33.23 -11.86
C LYS B 82 -23.68 33.71 -10.88
N TRP B 83 -23.60 33.05 -9.73
CA TRP B 83 -22.55 33.32 -8.75
C TRP B 83 -21.16 33.00 -9.32
N GLY B 84 -21.07 31.92 -10.08
CA GLY B 84 -19.78 31.44 -10.58
C GLY B 84 -19.06 30.61 -9.54
N THR B 85 -17.98 29.93 -9.95
CA THR B 85 -17.23 29.05 -9.06
C THR B 85 -16.63 29.82 -7.86
N ALA B 86 -15.80 30.83 -8.14
CA ALA B 86 -15.23 31.66 -7.09
C ALA B 86 -16.31 32.27 -6.20
N GLY B 87 -17.38 32.76 -6.83
CA GLY B 87 -18.49 33.37 -6.12
C GLY B 87 -19.34 32.45 -5.25
N SER B 88 -19.26 31.14 -5.47
CA SER B 88 -20.06 30.15 -4.73
C SER B 88 -19.53 29.88 -3.32
N SER B 89 -18.35 30.40 -3.01
CA SER B 89 -17.62 29.99 -1.81
C SER B 89 -18.30 30.39 -0.49
N THR B 90 -18.33 29.47 0.46
CA THR B 90 -18.84 29.76 1.80
C THR B 90 -17.88 30.72 2.51
N ILE B 91 -16.60 30.39 2.50
CA ILE B 91 -15.58 31.26 3.08
C ILE B 91 -14.54 31.62 2.02
N THR B 92 -14.27 32.91 1.88
CA THR B 92 -13.24 33.45 0.98
C THR B 92 -12.13 34.12 1.80
N ILE B 93 -10.89 33.69 1.59
CA ILE B 93 -9.74 34.27 2.28
C ILE B 93 -8.96 35.16 1.31
N SER B 94 -9.05 36.47 1.52
CA SER B 94 -8.32 37.45 0.71
C SER B 94 -7.47 38.32 1.62
N ALA B 95 -6.77 37.67 2.54
CA ALA B 95 -5.91 38.35 3.49
C ALA B 95 -4.73 37.46 3.83
N LYS B 96 -3.76 38.01 4.56
CA LYS B 96 -2.57 37.27 4.91
C LYS B 96 -2.61 36.88 6.38
N ASP B 97 -1.88 35.81 6.70
CA ASP B 97 -1.73 35.30 8.06
C ASP B 97 -3.07 34.95 8.73
N PHE B 98 -3.95 34.37 7.95
CA PHE B 98 -5.19 33.82 8.47
C PHE B 98 -4.95 32.43 9.04
N SER B 99 -5.64 32.12 10.13
CA SER B 99 -5.70 30.74 10.61
C SER B 99 -7.11 30.38 11.04
N ALA B 100 -7.46 29.11 10.83
CA ALA B 100 -8.68 28.54 11.39
C ALA B 100 -8.31 27.22 12.05
N GLN B 101 -8.87 26.98 13.23
CA GLN B 101 -8.62 25.77 14.00
C GLN B 101 -9.90 25.18 14.58
N SER B 102 -10.00 23.84 14.56
CA SER B 102 -11.08 23.09 15.24
C SER B 102 -12.50 23.50 14.82
N LEU B 103 -12.74 23.52 13.51
CA LEU B 103 -14.04 23.85 12.97
C LEU B 103 -14.29 23.23 11.61
N THR B 104 -15.57 23.22 11.21
CA THR B 104 -15.98 22.67 9.94
C THR B 104 -16.48 23.82 9.07
N ILE B 105 -16.15 23.76 7.78
CA ILE B 105 -16.64 24.72 6.77
C ILE B 105 -17.31 23.90 5.66
N ARG B 106 -18.59 24.15 5.39
CA ARG B 106 -19.33 23.37 4.39
C ARG B 106 -19.95 24.25 3.31
N ASN B 107 -19.99 23.73 2.09
CA ASN B 107 -20.98 24.19 1.12
C ASN B 107 -22.08 23.14 1.09
N ASP B 108 -23.29 23.57 1.44
CA ASP B 108 -24.41 22.66 1.60
C ASP B 108 -25.22 22.43 0.32
N PHE B 109 -24.71 22.89 -0.83
CA PHE B 109 -25.38 22.60 -2.10
C PHE B 109 -25.62 21.09 -2.22
N ASP B 110 -26.88 20.69 -2.36
CA ASP B 110 -27.25 19.29 -2.41
C ASP B 110 -27.04 18.74 -3.81
N PHE B 111 -25.78 18.41 -4.14
CA PHE B 111 -25.43 17.91 -5.46
C PHE B 111 -26.23 16.65 -5.86
N PRO B 112 -26.31 15.63 -4.96
CA PRO B 112 -27.12 14.44 -5.29
C PRO B 112 -28.60 14.72 -5.57
N ALA B 113 -29.23 15.59 -4.79
CA ALA B 113 -30.64 15.97 -5.04
C ALA B 113 -30.77 16.71 -6.37
N ASN B 114 -29.79 17.55 -6.69
CA ASN B 114 -29.78 18.27 -7.97
C ASN B 114 -29.69 17.32 -9.16
N GLN B 115 -28.78 16.35 -9.07
CA GLN B 115 -28.61 15.36 -10.14
C GLN B 115 -29.83 14.46 -10.31
N ALA B 116 -30.53 14.21 -9.21
CA ALA B 116 -31.73 13.36 -9.25
C ALA B 116 -32.96 14.06 -9.86
N LYS B 117 -32.87 15.37 -10.07
CA LYS B 117 -33.97 16.11 -10.69
C LYS B 117 -34.16 15.68 -12.15
N SER B 118 -35.40 15.74 -12.61
CA SER B 118 -35.71 15.50 -14.02
C SER B 118 -35.00 16.53 -14.90
N ASP B 119 -34.56 16.10 -16.08
CA ASP B 119 -33.83 16.97 -17.02
C ASP B 119 -34.62 18.20 -17.49
N SER B 120 -35.95 18.10 -17.48
CA SER B 120 -36.80 19.22 -17.89
C SER B 120 -37.10 20.21 -16.74
N ASP B 121 -36.69 19.84 -15.52
CA ASP B 121 -36.86 20.69 -14.32
C ASP B 121 -35.96 21.93 -14.43
N SER B 122 -36.59 23.10 -14.51
CA SER B 122 -35.87 24.37 -14.72
C SER B 122 -34.93 24.75 -13.56
N SER B 123 -35.16 24.16 -12.39
CA SER B 123 -34.33 24.41 -11.21
C SER B 123 -33.09 23.51 -11.14
N LYS B 124 -32.98 22.57 -12.09
CA LYS B 124 -31.80 21.70 -12.17
C LYS B 124 -30.59 22.49 -12.69
N ILE B 125 -29.55 22.56 -11.85
CA ILE B 125 -28.35 23.35 -12.13
C ILE B 125 -27.32 22.53 -12.91
N LYS B 126 -26.73 23.12 -13.95
CA LYS B 126 -25.65 22.47 -14.71
C LYS B 126 -24.28 22.81 -14.15
N ASP B 127 -24.12 24.06 -13.66
CA ASP B 127 -22.85 24.51 -13.12
C ASP B 127 -22.80 24.15 -11.63
N THR B 128 -22.36 22.93 -11.38
CA THR B 128 -22.56 22.29 -10.09
C THR B 128 -21.40 22.47 -9.11
N GLN B 129 -20.36 23.23 -9.49
CA GLN B 129 -19.32 23.51 -8.51
C GLN B 129 -19.85 24.35 -7.35
N ALA B 130 -19.45 23.98 -6.14
CA ALA B 130 -19.97 24.61 -4.93
C ALA B 130 -18.89 24.59 -3.87
N VAL B 131 -18.11 25.66 -3.86
CA VAL B 131 -16.89 25.79 -3.05
C VAL B 131 -17.19 25.99 -1.56
N ALA B 132 -16.48 25.26 -0.70
CA ALA B 132 -16.57 25.47 0.74
C ALA B 132 -15.58 26.57 1.16
N LEU B 133 -14.33 26.42 0.71
CA LEU B 133 -13.25 27.32 1.10
C LEU B 133 -12.45 27.75 -0.14
N TYR B 134 -12.21 29.06 -0.25
CA TYR B 134 -11.48 29.67 -1.35
C TYR B 134 -10.39 30.57 -0.79
N VAL B 135 -9.13 30.22 -1.08
CA VAL B 135 -8.00 31.09 -0.74
C VAL B 135 -7.60 31.79 -2.02
N THR B 136 -7.73 33.12 -2.04
CA THR B 136 -7.61 33.89 -3.28
C THR B 136 -6.15 34.26 -3.62
N LYS B 137 -5.97 34.93 -4.76
CA LYS B 137 -4.64 35.46 -5.16
C LYS B 137 -4.05 36.39 -4.10
N SER B 138 -4.91 36.98 -3.28
CA SER B 138 -4.51 37.88 -2.20
C SER B 138 -4.12 37.14 -0.92
N GLY B 139 -4.50 35.87 -0.83
CA GLY B 139 -4.17 35.05 0.31
C GLY B 139 -2.75 34.53 0.23
N ASP B 140 -2.06 34.59 1.36
CA ASP B 140 -0.77 33.96 1.55
C ASP B 140 -0.66 33.68 3.04
N ARG B 141 -0.01 32.57 3.37
CA ARG B 141 0.23 32.17 4.77
C ARG B 141 -1.10 31.89 5.50
N ALA B 142 -1.91 31.03 4.91
CA ALA B 142 -3.21 30.66 5.46
C ALA B 142 -3.12 29.26 6.06
N TYR B 143 -3.38 29.17 7.37
CA TYR B 143 -3.16 27.94 8.14
C TYR B 143 -4.46 27.32 8.66
N PHE B 144 -4.70 26.07 8.29
CA PHE B 144 -5.91 25.33 8.70
C PHE B 144 -5.52 24.07 9.47
N LYS B 145 -5.82 24.07 10.76
CA LYS B 145 -5.50 22.93 11.64
C LYS B 145 -6.75 22.35 12.26
N ASP B 146 -6.88 21.02 12.22
CA ASP B 146 -8.04 20.31 12.76
C ASP B 146 -9.33 20.91 12.19
N VAL B 147 -9.35 21.07 10.86
CA VAL B 147 -10.48 21.66 10.16
C VAL B 147 -11.10 20.61 9.23
N SER B 148 -12.42 20.64 9.10
CA SER B 148 -13.12 19.79 8.13
C SER B 148 -13.71 20.63 7.00
N LEU B 149 -13.47 20.22 5.76
CA LEU B 149 -14.02 20.94 4.60
C LEU B 149 -14.98 20.03 3.84
N VAL B 150 -16.21 20.50 3.64
CA VAL B 150 -17.29 19.65 3.13
C VAL B 150 -17.86 20.19 1.83
N GLY B 151 -17.93 19.33 0.81
CA GLY B 151 -18.64 19.64 -0.42
C GLY B 151 -18.69 18.42 -1.34
N TYR B 152 -19.13 18.64 -2.56
CA TYR B 152 -19.06 17.61 -3.61
C TYR B 152 -18.08 18.06 -4.70
N GLN B 153 -18.57 18.73 -5.75
CA GLN B 153 -17.69 19.30 -6.78
C GLN B 153 -17.01 20.59 -6.29
N ALA B 154 -15.69 20.65 -6.46
CA ALA B 154 -14.89 21.86 -6.22
C ALA B 154 -14.88 22.35 -4.76
N THR B 155 -14.75 21.43 -3.82
CA THR B 155 -14.79 21.78 -2.38
C THR B 155 -13.78 22.85 -1.97
N LEU B 156 -12.51 22.65 -2.32
CA LEU B 156 -11.43 23.55 -1.89
C LEU B 156 -10.70 24.19 -3.07
N TYR B 157 -10.76 25.51 -3.11
CA TYR B 157 -10.16 26.33 -4.15
C TYR B 157 -8.94 27.04 -3.57
N VAL B 158 -7.76 26.56 -3.94
CA VAL B 158 -6.50 27.13 -3.47
C VAL B 158 -5.77 27.91 -4.57
N SER B 159 -5.81 29.22 -4.45
CA SER B 159 -5.14 30.12 -5.38
C SER B 159 -4.12 30.92 -4.56
N GLY B 160 -3.45 31.85 -5.22
CA GLY B 160 -2.54 32.77 -4.55
C GLY B 160 -1.27 32.13 -4.04
N GLY B 161 -0.95 32.43 -2.78
CA GLY B 161 0.30 32.01 -2.19
C GLY B 161 0.24 30.66 -1.50
N ARG B 162 0.76 30.62 -0.28
CA ARG B 162 0.91 29.38 0.47
C ARG B 162 -0.20 29.17 1.47
N SER B 163 -0.72 27.94 1.50
CA SER B 163 -1.66 27.50 2.50
C SER B 163 -1.20 26.15 3.08
N PHE B 164 -1.49 25.94 4.36
CA PHE B 164 -1.09 24.70 5.02
C PHE B 164 -2.31 24.11 5.73
N PHE B 165 -2.58 22.84 5.44
CA PHE B 165 -3.69 22.08 6.03
C PHE B 165 -3.11 20.94 6.82
N SER B 166 -3.45 20.87 8.11
CA SER B 166 -2.86 19.93 9.06
C SER B 166 -3.95 19.24 9.91
N ASP B 167 -3.90 17.91 10.00
CA ASP B 167 -4.89 17.11 10.76
C ASP B 167 -6.32 17.39 10.29
N CYS B 168 -6.48 17.46 8.97
CA CYS B 168 -7.72 17.92 8.34
C CYS B 168 -8.55 16.81 7.71
N ARG B 169 -9.83 17.10 7.45
CA ARG B 169 -10.69 16.22 6.64
C ARG B 169 -11.21 17.05 5.47
N ILE B 170 -11.05 16.54 4.26
CA ILE B 170 -11.61 17.21 3.08
C ILE B 170 -12.41 16.20 2.28
N SER B 171 -13.67 16.51 2.01
CA SER B 171 -14.53 15.58 1.27
C SER B 171 -15.04 16.19 -0.03
N GLY B 172 -15.25 15.33 -1.03
CA GLY B 172 -15.76 15.77 -2.32
C GLY B 172 -15.84 14.68 -3.38
N THR B 173 -16.16 15.10 -4.59
CA THR B 173 -16.32 14.21 -5.73
C THR B 173 -15.37 14.68 -6.84
N VAL B 174 -15.77 15.72 -7.57
CA VAL B 174 -15.03 16.16 -8.76
C VAL B 174 -14.15 17.37 -8.49
N ASP B 175 -12.86 17.22 -8.77
CA ASP B 175 -11.90 18.34 -8.65
C ASP B 175 -11.95 19.01 -7.27
N PHE B 176 -12.03 18.23 -6.20
CA PHE B 176 -12.35 18.82 -4.89
C PHE B 176 -11.21 19.56 -4.14
N ILE B 177 -9.99 19.42 -4.65
CA ILE B 177 -8.88 20.33 -4.32
C ILE B 177 -8.35 20.82 -5.65
N PHE B 178 -8.51 22.11 -5.95
CA PHE B 178 -8.14 22.64 -7.25
C PHE B 178 -7.53 24.04 -7.17
N GLY B 179 -6.79 24.42 -8.20
CA GLY B 179 -6.25 25.76 -8.28
C GLY B 179 -4.74 25.84 -8.41
N ASP B 180 -4.23 27.07 -8.39
CA ASP B 180 -2.84 27.34 -8.75
C ASP B 180 -1.97 27.70 -7.55
N GLY B 181 -2.51 27.62 -6.33
CA GLY B 181 -1.77 27.95 -5.12
C GLY B 181 -0.71 26.93 -4.76
N THR B 182 0.15 27.29 -3.80
CA THR B 182 1.01 26.33 -3.10
C THR B 182 0.26 25.86 -1.84
N ALA B 183 -0.16 24.60 -1.83
CA ALA B 183 -1.03 24.08 -0.78
C ALA B 183 -0.45 22.76 -0.27
N LEU B 184 0.02 22.79 0.99
CA LEU B 184 0.58 21.62 1.64
C LEU B 184 -0.43 20.99 2.58
N PHE B 185 -0.58 19.67 2.48
CA PHE B 185 -1.54 18.93 3.30
C PHE B 185 -0.77 17.89 4.07
N ASN B 186 -0.89 17.91 5.38
CA ASN B 186 -0.22 16.91 6.21
C ASN B 186 -1.15 16.23 7.22
N ASN B 187 -1.12 14.89 7.24
CA ASN B 187 -1.96 14.08 8.10
C ASN B 187 -3.45 14.39 7.91
N CYS B 188 -3.86 14.42 6.65
CA CYS B 188 -5.24 14.73 6.30
C CYS B 188 -6.01 13.51 5.78
N ASP B 189 -7.32 13.48 6.03
CA ASP B 189 -8.18 12.50 5.42
C ASP B 189 -8.83 13.12 4.17
N LEU B 190 -8.56 12.55 3.00
CA LEU B 190 -9.17 13.01 1.77
C LEU B 190 -10.24 12.01 1.36
N VAL B 191 -11.50 12.45 1.43
CA VAL B 191 -12.66 11.54 1.40
C VAL B 191 -13.43 11.64 0.09
N SER B 192 -13.34 10.60 -0.73
CA SER B 192 -14.01 10.55 -2.03
C SER B 192 -15.45 10.08 -1.83
N ARG B 193 -16.42 10.84 -2.35
CA ARG B 193 -17.84 10.59 -2.00
C ARG B 193 -18.59 9.77 -3.05
N TYR B 194 -19.66 9.09 -2.60
CA TYR B 194 -20.47 8.23 -3.47
C TYR B 194 -21.31 9.06 -4.43
N ARG B 195 -21.32 8.66 -5.70
CA ARG B 195 -22.16 9.32 -6.69
C ARG B 195 -23.23 8.37 -7.23
N ALA B 196 -24.47 8.62 -6.81
CA ALA B 196 -25.64 7.85 -7.24
C ALA B 196 -25.95 8.03 -8.73
N ASP B 197 -25.47 9.14 -9.31
CA ASP B 197 -25.80 9.52 -10.69
C ASP B 197 -24.84 8.98 -11.77
N VAL B 198 -23.79 8.29 -11.35
CA VAL B 198 -22.77 7.79 -12.28
C VAL B 198 -23.01 6.31 -12.58
N LYS B 199 -23.10 5.99 -13.88
CA LYS B 199 -23.26 4.62 -14.37
C LYS B 199 -22.08 3.75 -14.03
N SER B 200 -22.35 2.49 -13.72
CA SER B 200 -21.31 1.48 -13.58
C SER B 200 -20.36 1.55 -14.77
N GLY B 201 -19.06 1.60 -14.48
CA GLY B 201 -18.03 1.68 -15.52
C GLY B 201 -17.54 3.08 -15.85
N ASN B 202 -18.28 4.10 -15.41
CA ASN B 202 -17.91 5.50 -15.60
C ASN B 202 -17.20 6.07 -14.36
N VAL B 203 -16.41 7.13 -14.54
CA VAL B 203 -15.63 7.74 -13.46
C VAL B 203 -16.52 8.61 -12.56
N SER B 204 -16.29 8.52 -11.24
CA SER B 204 -17.02 9.33 -10.28
C SER B 204 -16.37 10.68 -9.97
N GLY B 205 -15.05 10.73 -9.91
CA GLY B 205 -14.38 12.00 -9.59
C GLY B 205 -12.86 12.00 -9.63
N TYR B 206 -12.30 13.08 -9.08
CA TYR B 206 -10.86 13.36 -9.10
C TYR B 206 -10.54 14.15 -7.85
N LEU B 207 -9.55 13.69 -7.09
CA LEU B 207 -9.10 14.38 -5.88
C LEU B 207 -8.61 15.81 -6.16
N THR B 208 -7.78 15.96 -7.19
CA THR B 208 -7.12 17.23 -7.46
C THR B 208 -7.30 17.70 -8.90
N ALA B 209 -7.34 19.01 -9.07
CA ALA B 209 -7.29 19.59 -10.39
C ALA B 209 -6.37 20.83 -10.33
N PRO B 210 -5.04 20.60 -10.28
CA PRO B 210 -4.11 21.72 -10.13
C PRO B 210 -3.98 22.53 -11.42
N SER B 211 -3.77 23.84 -11.27
CA SER B 211 -3.56 24.74 -12.39
C SER B 211 -2.25 25.52 -12.20
N THR B 212 -1.35 24.96 -11.40
CA THR B 212 -0.04 25.54 -11.06
C THR B 212 0.68 26.04 -12.33
N ASN B 213 1.06 27.32 -12.34
CA ASN B 213 1.90 27.85 -13.43
C ASN B 213 3.22 27.10 -13.47
N ILE B 214 3.66 26.80 -14.69
CA ILE B 214 4.90 26.02 -14.91
C ILE B 214 6.14 26.59 -14.20
N ASN B 215 6.17 27.91 -13.98
CA ASN B 215 7.32 28.56 -13.35
C ASN B 215 7.28 28.56 -11.82
N GLN B 216 6.12 28.18 -11.26
CA GLN B 216 5.95 28.04 -9.82
C GLN B 216 6.44 26.66 -9.38
N LYS B 217 7.34 26.64 -8.41
CA LYS B 217 8.00 25.41 -7.96
C LYS B 217 7.04 24.35 -7.35
N TYR B 218 6.09 24.81 -6.53
CA TYR B 218 5.19 23.90 -5.81
C TYR B 218 3.72 24.21 -5.99
N GLY B 219 2.94 23.19 -6.28
CA GLY B 219 1.49 23.30 -6.32
C GLY B 219 0.87 22.57 -5.15
N LEU B 220 0.17 21.48 -5.44
CA LEU B 220 -0.54 20.71 -4.41
C LEU B 220 0.34 19.57 -3.94
N VAL B 221 0.76 19.62 -2.69
CA VAL B 221 1.67 18.62 -2.10
C VAL B 221 0.95 17.95 -0.92
N ILE B 222 0.76 16.64 -1.00
CA ILE B 222 0.00 15.89 0.01
C ILE B 222 0.92 14.90 0.70
N THR B 223 1.12 15.07 2.00
CA THR B 223 2.08 14.26 2.76
C THR B 223 1.44 13.54 3.94
N ASN B 224 1.89 12.30 4.20
CA ASN B 224 1.46 11.53 5.39
C ASN B 224 -0.05 11.48 5.60
N SER B 225 -0.80 11.34 4.52
CA SER B 225 -2.25 11.48 4.58
C SER B 225 -2.94 10.17 4.21
N ARG B 226 -4.26 10.18 4.23
CA ARG B 226 -5.07 9.02 3.88
C ARG B 226 -6.13 9.38 2.84
N VAL B 227 -6.10 8.66 1.73
CA VAL B 227 -7.01 8.83 0.60
C VAL B 227 -8.04 7.71 0.71
N ILE B 228 -9.24 8.08 1.16
CA ILE B 228 -10.24 7.09 1.58
C ILE B 228 -11.58 7.23 0.88
N ARG B 229 -12.33 6.13 0.83
CA ARG B 229 -13.71 6.16 0.33
C ARG B 229 -14.70 6.51 1.43
N GLU B 230 -15.74 7.22 1.03
CA GLU B 230 -16.80 7.63 1.95
C GLU B 230 -17.59 6.43 2.49
N SER B 231 -17.76 5.42 1.65
CA SER B 231 -18.56 4.24 1.96
C SER B 231 -18.13 3.09 1.07
N ASP B 232 -18.58 1.88 1.39
CA ASP B 232 -18.29 0.70 0.59
C ASP B 232 -18.96 0.72 -0.78
N SER B 233 -19.89 1.67 -0.98
CA SER B 233 -20.59 1.79 -2.26
C SER B 233 -19.80 2.54 -3.32
N VAL B 234 -18.74 3.24 -2.92
CA VAL B 234 -17.81 3.87 -3.87
C VAL B 234 -17.05 2.75 -4.58
N PRO B 235 -17.27 2.56 -5.90
CA PRO B 235 -16.65 1.44 -6.61
C PRO B 235 -15.12 1.49 -6.62
N ALA B 236 -14.50 0.32 -6.78
CA ALA B 236 -13.08 0.25 -7.09
C ALA B 236 -12.83 0.99 -8.41
N LYS B 237 -11.66 1.63 -8.53
CA LYS B 237 -11.24 2.32 -9.76
C LYS B 237 -12.25 3.37 -10.26
N SER B 238 -12.80 4.15 -9.32
CA SER B 238 -13.79 5.18 -9.65
C SER B 238 -13.24 6.62 -9.51
N TYR B 239 -12.05 6.77 -8.96
CA TYR B 239 -11.48 8.09 -8.66
C TYR B 239 -10.06 8.28 -9.16
N GLY B 240 -9.83 9.42 -9.81
CA GLY B 240 -8.48 9.83 -10.21
C GLY B 240 -7.76 10.61 -9.12
N LEU B 241 -6.44 10.48 -9.07
CA LEU B 241 -5.63 11.26 -8.12
C LEU B 241 -5.60 12.73 -8.56
N GLY B 242 -5.76 12.96 -9.85
CA GLY B 242 -5.73 14.32 -10.40
C GLY B 242 -5.93 14.35 -11.89
N ARG B 243 -6.41 15.49 -12.38
CA ARG B 243 -6.41 15.81 -13.80
C ARG B 243 -5.94 17.26 -13.98
N PRO B 244 -5.37 17.60 -15.16
CA PRO B 244 -4.74 18.91 -15.32
C PRO B 244 -5.72 20.02 -15.71
N TRP B 245 -5.94 20.95 -14.80
CA TRP B 245 -6.80 22.10 -15.06
C TRP B 245 -6.00 23.24 -15.71
N HIS B 246 -6.35 23.55 -16.96
CA HIS B 246 -5.86 24.72 -17.66
C HIS B 246 -7.02 25.70 -17.75
N PRO B 247 -7.13 26.64 -16.78
CA PRO B 247 -8.30 27.51 -16.67
C PRO B 247 -8.46 28.41 -17.89
N THR B 248 -9.71 28.64 -18.27
CA THR B 248 -10.01 29.63 -19.27
C THR B 248 -9.51 30.98 -18.75
N THR B 249 -8.70 31.64 -19.57
CA THR B 249 -7.94 32.83 -19.16
C THR B 249 -7.94 33.84 -20.32
N THR B 250 -8.07 35.11 -19.98
CA THR B 250 -8.05 36.18 -20.97
C THR B 250 -6.60 36.53 -21.32
N PHE B 251 -6.29 36.37 -22.61
CA PHE B 251 -4.99 36.74 -23.16
C PHE B 251 -5.17 37.81 -24.23
N SER B 252 -4.06 38.40 -24.67
CA SER B 252 -4.12 39.44 -25.71
C SER B 252 -4.67 38.91 -27.02
N ASP B 253 -4.51 37.60 -27.25
CA ASP B 253 -5.10 36.97 -28.43
C ASP B 253 -6.38 36.17 -28.19
N GLY B 254 -7.10 36.48 -27.11
CA GLY B 254 -8.39 35.83 -26.87
C GLY B 254 -8.50 35.14 -25.53
N ARG B 255 -9.64 34.52 -25.27
CA ARG B 255 -9.94 33.88 -23.99
C ARG B 255 -10.00 32.37 -24.20
N TYR B 256 -9.08 31.64 -23.58
CA TYR B 256 -8.95 30.19 -23.79
C TYR B 256 -8.13 29.51 -22.69
N ALA B 257 -8.09 28.18 -22.70
CA ALA B 257 -7.36 27.40 -21.70
C ALA B 257 -5.88 27.80 -21.63
N ASP B 258 -5.43 28.20 -20.44
CA ASP B 258 -4.04 28.65 -20.23
C ASP B 258 -3.05 27.50 -20.51
N PRO B 259 -2.22 27.65 -21.56
CA PRO B 259 -1.27 26.57 -21.88
C PRO B 259 -0.15 26.36 -20.86
N ASN B 260 0.16 27.41 -20.08
CA ASN B 260 1.24 27.36 -19.09
C ASN B 260 0.79 26.93 -17.67
N ALA B 261 -0.50 26.68 -17.51
CA ALA B 261 -1.05 26.13 -16.26
C ALA B 261 -0.86 24.60 -16.27
N ILE B 262 0.38 24.19 -16.02
CA ILE B 262 0.77 22.79 -16.04
C ILE B 262 0.88 22.36 -14.60
N GLY B 263 -0.23 21.85 -14.07
CA GLY B 263 -0.43 21.66 -12.63
C GLY B 263 0.48 20.63 -12.00
N GLN B 264 0.77 20.83 -10.72
CA GLN B 264 1.53 19.87 -9.91
C GLN B 264 0.67 19.31 -8.79
N THR B 265 0.60 17.98 -8.74
CA THR B 265 0.11 17.26 -7.56
C THR B 265 1.14 16.20 -7.22
N VAL B 266 1.64 16.23 -5.99
CA VAL B 266 2.59 15.22 -5.51
C VAL B 266 2.08 14.60 -4.21
N PHE B 267 1.98 13.28 -4.19
CA PHE B 267 1.63 12.52 -2.99
C PHE B 267 2.89 11.89 -2.43
N LEU B 268 3.15 12.09 -1.14
CA LEU B 268 4.26 11.42 -0.46
C LEU B 268 3.79 10.71 0.80
N ASN B 269 4.24 9.47 0.99
CA ASN B 269 3.90 8.66 2.17
C ASN B 269 2.40 8.63 2.52
N THR B 270 1.56 8.43 1.50
CA THR B 270 0.12 8.57 1.63
C THR B 270 -0.59 7.26 1.30
N SER B 271 -1.53 6.86 2.15
CA SER B 271 -2.31 5.64 1.88
C SER B 271 -3.44 5.92 0.91
N MET B 272 -3.76 4.91 0.10
CA MET B 272 -4.80 5.01 -0.92
C MET B 272 -5.60 3.72 -1.00
N ASP B 273 -6.92 3.83 -0.87
CA ASP B 273 -7.81 2.67 -1.06
C ASP B 273 -8.03 2.41 -2.55
N ASN B 274 -8.65 1.27 -2.89
CA ASN B 274 -8.70 0.86 -4.28
C ASN B 274 -9.74 1.57 -5.16
N HIS B 275 -10.41 2.59 -4.62
CA HIS B 275 -11.21 3.46 -5.48
C HIS B 275 -10.35 4.27 -6.46
N ILE B 276 -9.07 4.43 -6.13
CA ILE B 276 -8.11 5.14 -6.97
C ILE B 276 -7.66 4.27 -8.16
N TYR B 277 -7.77 4.81 -9.38
CA TYR B 277 -7.25 4.12 -10.58
C TYR B 277 -5.95 4.72 -11.12
N GLY B 278 -5.62 5.94 -10.70
CA GLY B 278 -4.44 6.64 -11.21
C GLY B 278 -4.76 8.07 -11.58
N TRP B 279 -4.02 8.62 -12.55
CA TRP B 279 -4.20 10.01 -13.00
C TRP B 279 -5.14 10.04 -14.20
N ASP B 280 -5.62 11.21 -14.59
CA ASP B 280 -6.51 11.32 -15.75
C ASP B 280 -6.26 12.61 -16.54
N LYS B 281 -6.84 12.68 -17.73
CA LYS B 281 -6.74 13.86 -18.58
C LYS B 281 -7.93 14.79 -18.35
N MET B 282 -7.85 16.00 -18.92
CA MET B 282 -8.92 16.98 -18.84
C MET B 282 -8.91 17.81 -20.12
N SER B 283 -10.09 18.23 -20.55
CA SER B 283 -10.22 19.03 -21.77
C SER B 283 -10.48 20.51 -21.47
N GLY B 284 -10.13 21.36 -22.45
CA GLY B 284 -10.48 22.76 -22.43
C GLY B 284 -10.74 23.22 -23.85
N LYS B 285 -10.88 24.51 -24.05
CA LYS B 285 -11.02 25.09 -25.39
C LYS B 285 -9.75 25.85 -25.73
N ASP B 286 -9.20 25.62 -26.93
CA ASP B 286 -7.97 26.30 -27.36
C ASP B 286 -8.20 27.70 -27.95
N LYS B 287 -7.14 28.33 -28.44
CA LYS B 287 -7.22 29.70 -28.98
C LYS B 287 -8.11 29.81 -30.23
N ASN B 288 -8.43 28.67 -30.85
CA ASN B 288 -9.27 28.65 -32.07
C ASN B 288 -10.72 28.24 -31.82
N GLY B 289 -11.03 27.91 -30.57
CA GLY B 289 -12.36 27.42 -30.18
C GLY B 289 -12.52 25.93 -30.29
N ASN B 290 -11.43 25.20 -30.55
CA ASN B 290 -11.48 23.74 -30.62
C ASN B 290 -11.24 23.09 -29.27
N THR B 291 -11.85 21.93 -29.07
CA THR B 291 -11.54 21.08 -27.92
C THR B 291 -10.06 20.69 -27.94
N ILE B 292 -9.40 20.86 -26.81
CA ILE B 292 -8.01 20.46 -26.62
C ILE B 292 -7.94 19.59 -25.36
N TRP B 293 -7.18 18.50 -25.43
CA TRP B 293 -6.98 17.61 -24.29
C TRP B 293 -5.62 17.82 -23.65
N PHE B 294 -5.62 17.92 -22.32
CA PHE B 294 -4.38 18.00 -21.54
C PHE B 294 -4.13 16.69 -20.81
N ASN B 295 -2.96 16.11 -21.02
CA ASN B 295 -2.67 14.76 -20.57
C ASN B 295 -1.88 14.71 -19.27
N PRO B 296 -2.13 13.67 -18.43
CA PRO B 296 -1.40 13.54 -17.17
C PRO B 296 0.12 13.37 -17.33
N GLU B 297 0.53 12.70 -18.41
CA GLU B 297 1.96 12.47 -18.67
C GLU B 297 2.73 13.76 -18.99
N ASP B 298 2.01 14.80 -19.40
CA ASP B 298 2.59 16.11 -19.67
C ASP B 298 2.48 17.06 -18.47
N SER B 299 1.94 16.55 -17.37
CA SER B 299 1.72 17.35 -16.17
C SER B 299 2.67 16.93 -15.07
N ARG B 300 2.72 17.69 -13.98
CA ARG B 300 3.63 17.39 -12.88
C ARG B 300 2.97 16.52 -11.82
N PHE B 301 2.63 15.29 -12.21
CA PHE B 301 1.89 14.37 -11.34
C PHE B 301 2.82 13.25 -10.86
N PHE B 302 3.14 13.25 -9.56
CA PHE B 302 4.09 12.27 -9.01
C PHE B 302 3.64 11.68 -7.69
N GLU B 303 4.18 10.50 -7.37
CA GLU B 303 3.96 9.82 -6.09
C GLU B 303 5.28 9.42 -5.46
N TYR B 304 5.29 9.28 -4.14
CA TYR B 304 6.43 8.73 -3.43
C TYR B 304 5.95 7.87 -2.26
N LYS B 305 6.28 6.58 -2.31
CA LYS B 305 5.94 5.61 -1.28
C LYS B 305 4.47 5.62 -0.85
N SER B 306 3.57 5.64 -1.82
CA SER B 306 2.15 5.41 -1.56
C SER B 306 1.96 3.98 -1.07
N TYR B 307 0.91 3.73 -0.29
CA TYR B 307 0.60 2.36 0.16
C TYR B 307 -0.92 2.16 0.21
N GLY B 308 -1.36 0.93 0.50
CA GLY B 308 -2.78 0.58 0.37
C GLY B 308 -3.13 0.04 -1.01
N ALA B 309 -4.37 -0.43 -1.16
CA ALA B 309 -4.82 -1.13 -2.38
C ALA B 309 -4.88 -0.26 -3.65
N GLY B 310 -4.96 1.05 -3.46
CA GLY B 310 -4.95 1.98 -4.58
C GLY B 310 -3.57 2.45 -5.00
N ALA B 311 -2.53 1.95 -4.32
CA ALA B 311 -1.14 2.32 -4.61
C ALA B 311 -0.49 1.30 -5.53
N THR B 312 -0.60 1.51 -6.83
CA THR B 312 0.09 0.64 -7.79
C THR B 312 1.18 1.44 -8.49
N VAL B 313 2.29 0.77 -8.77
CA VAL B 313 3.40 1.42 -9.47
C VAL B 313 3.47 0.90 -10.90
N SER B 314 3.35 1.83 -11.86
CA SER B 314 3.42 1.53 -13.29
C SER B 314 4.01 2.73 -14.02
N LYS B 315 4.25 2.57 -15.33
CA LYS B 315 4.75 3.65 -16.17
C LYS B 315 3.79 4.86 -16.23
N ASP B 316 2.52 4.63 -15.93
CA ASP B 316 1.50 5.69 -15.90
C ASP B 316 1.37 6.33 -14.52
N ARG B 317 2.17 5.86 -13.58
CA ARG B 317 2.25 6.46 -12.26
C ARG B 317 3.69 6.70 -11.83
N ARG B 318 4.22 7.85 -12.26
CA ARG B 318 5.61 8.21 -12.03
C ARG B 318 5.97 8.35 -10.55
N GLN B 319 7.16 7.89 -10.20
CA GLN B 319 7.62 7.85 -8.82
C GLN B 319 8.83 8.78 -8.65
N LEU B 320 8.88 9.44 -7.49
CA LEU B 320 10.04 10.23 -7.12
C LEU B 320 11.13 9.35 -6.56
N THR B 321 12.37 9.73 -6.82
CA THR B 321 13.53 9.15 -6.14
C THR B 321 13.58 9.69 -4.71
N ASP B 322 14.34 9.01 -3.85
CA ASP B 322 14.61 9.48 -2.48
C ASP B 322 15.08 10.93 -2.46
N ALA B 323 16.04 11.25 -3.33
CA ALA B 323 16.60 12.61 -3.42
C ALA B 323 15.56 13.64 -3.89
N GLN B 324 14.73 13.26 -4.86
CA GLN B 324 13.62 14.10 -5.34
C GLN B 324 12.59 14.35 -4.25
N ALA B 325 12.26 13.31 -3.48
CA ALA B 325 11.31 13.40 -2.38
C ALA B 325 11.77 14.40 -1.31
N ALA B 326 13.08 14.51 -1.13
CA ALA B 326 13.67 15.42 -0.15
C ALA B 326 13.41 16.90 -0.48
N GLU B 327 12.96 17.17 -1.70
CA GLU B 327 12.61 18.53 -2.09
C GLU B 327 11.18 18.94 -1.67
N TYR B 328 10.44 18.00 -1.08
CA TYR B 328 9.04 18.24 -0.71
C TYR B 328 8.79 18.24 0.80
N THR B 329 9.81 18.63 1.56
CA THR B 329 9.65 18.84 3.01
C THR B 329 8.84 20.11 3.24
N GLN B 330 8.26 20.26 4.43
CA GLN B 330 7.54 21.48 4.81
C GLN B 330 8.40 22.72 4.67
N SER B 331 9.66 22.64 5.11
CA SER B 331 10.62 23.73 5.03
C SER B 331 10.80 24.24 3.59
N LYS B 332 10.93 23.31 2.65
CA LYS B 332 11.13 23.67 1.24
C LYS B 332 9.84 24.20 0.60
N VAL B 333 8.72 23.54 0.88
CA VAL B 333 7.44 23.90 0.25
C VAL B 333 6.93 25.26 0.75
N LEU B 334 7.02 25.49 2.06
CA LEU B 334 6.51 26.74 2.66
C LEU B 334 7.53 27.87 2.74
N GLY B 335 8.81 27.54 2.52
CA GLY B 335 9.88 28.53 2.54
C GLY B 335 10.10 29.14 3.90
N ASP B 336 10.10 30.46 3.97
CA ASP B 336 10.38 31.21 5.20
C ASP B 336 9.20 31.29 6.18
N TRP B 337 8.05 30.74 5.78
CA TRP B 337 6.86 30.75 6.63
C TRP B 337 6.76 29.50 7.51
N THR B 338 6.74 29.72 8.82
CA THR B 338 6.43 28.68 9.79
C THR B 338 5.00 28.89 10.30
N PRO B 339 4.05 28.02 9.87
CA PRO B 339 2.68 28.16 10.34
C PRO B 339 2.60 28.03 11.85
N THR B 340 1.97 29.02 12.49
CA THR B 340 1.83 29.04 13.95
C THR B 340 0.42 29.50 14.29
N LEU B 341 -0.12 28.97 15.39
CA LEU B 341 -1.43 29.39 15.90
C LEU B 341 -1.24 30.38 17.04
N PRO B 342 -2.23 31.28 17.24
CA PRO B 342 -2.11 32.30 18.29
C PRO B 342 -2.01 31.71 19.70
C1 ADA C . -16.23 -30.51 -4.95
C2 ADA C . -16.18 -30.77 -3.44
C3 ADA C . -17.08 -29.81 -2.66
C4 ADA C . -16.84 -28.36 -3.10
C5 ADA C . -17.06 -28.28 -4.62
C6 ADA C . -17.00 -26.88 -5.17
O1 ADA C . -17.41 -31.05 -5.58
O2 ADA C . -16.53 -32.13 -3.14
O3 ADA C . -16.85 -29.96 -1.25
O4 ADA C . -15.53 -27.91 -2.71
O5 ADA C . -16.09 -29.11 -5.28
O6B ADA C . -17.19 -25.91 -4.41
O6A ADA C . -16.77 -26.74 -6.39
C1 M8C C . -14.47 -27.94 -1.73
C2 M8C C . -13.40 -26.92 -1.34
C3 M8C C . -12.27 -26.93 -2.38
O4 M8C C . -11.00 -28.84 -1.52
C5 M8C C . -12.91 -29.29 -2.93
C6 M8C C . -12.46 -30.71 -3.13
O6A M8C C . -11.81 -31.03 -4.11
O6B M8C C . -12.79 -31.73 -2.14
CH3 M8C C . -12.69 -33.12 -2.43
O5 M8C C . -13.85 -29.21 -1.84
C4 M8C C . -11.75 -28.35 -2.65
O3 M8C C . -11.23 -26.05 -1.97
O2 M8C C . -13.98 -25.61 -1.26
C1 M8C C . -9.77 -29.58 -1.56
C2 M8C C . -9.37 -30.02 -0.15
C3 M8C C . -9.01 -28.80 0.71
O4 M8C C . -6.73 -28.68 -0.02
C5 M8C C . -8.39 -27.59 -1.42
C6 M8C C . -7.30 -26.85 -2.11
O6A M8C C . -6.73 -27.28 -3.11
O6B M8C C . -6.90 -25.58 -1.56
CH3 M8C C . -5.92 -24.80 -2.25
O5 M8C C . -8.74 -28.77 -2.17
C4 M8C C . -7.95 -27.95 0.01
O3 M8C C . -8.55 -29.20 2.00
O2 M8C C . -10.45 -30.74 0.47
C1 M8C C . -5.43 -28.30 0.48
C2 M8C C . -4.25 -29.04 -0.14
C3 M8C C . -4.27 -30.52 0.24
O4 M8C C . -3.28 -30.25 2.48
C5 M8C C . -5.64 -29.89 2.27
C6 M8C C . -5.82 -30.01 3.75
O6A M8C C . -5.53 -29.09 4.49
O6B M8C C . -6.36 -31.23 4.31
CH3 M8C C . -6.61 -31.40 5.71
O5 M8C C . -5.44 -28.52 1.90
C4 M8C C . -4.44 -30.70 1.77
O3 M8C C . -3.06 -31.13 -0.21
O2 M8C C . -4.33 -28.94 -1.56
C1 M8C C . -2.23 -31.19 2.78
C2 M8C C . -2.40 -31.85 4.15
C3 M8C C . -2.17 -30.82 5.25
O4 M8C C . 0.21 -31.20 5.19
C5 M8C C . -0.67 -29.57 3.67
C6 M8C C . 0.73 -29.08 3.41
O6A M8C C . 1.24 -29.22 2.31
O6B M8C C . 1.48 -28.45 4.48
CH3 M8C C . 2.82 -28.01 4.26
O5 M8C C . -0.96 -30.54 2.68
C4 M8C C . -0.80 -30.19 5.07
O3 M8C C . -2.29 -31.44 6.53
O2 M8C C . -3.71 -32.40 4.26
C1 ADA C . 1.27 -31.26 6.17
C2 ADA C . 2.42 -32.17 5.76
C3 ADA C . 1.99 -33.64 5.84
C4 ADA C . 1.47 -33.95 7.25
C5 ADA C . 0.35 -32.97 7.63
C6 ADA C . -0.07 -33.18 9.06
O2 ADA C . 2.83 -31.87 4.41
O3 ADA C . 3.09 -34.48 5.45
O4 ADA C . 2.52 -33.83 8.22
O5 ADA C . 0.78 -31.61 7.47
O6B ADA C . -0.56 -34.28 9.36
O6A ADA C . 0.08 -32.24 9.88
C1 ADA D . -22.96 7.04 -20.74
C2 ADA D . -22.94 8.44 -21.39
C3 ADA D . -22.13 8.44 -22.69
C4 ADA D . -20.75 7.81 -22.49
C5 ADA D . -20.90 6.40 -21.95
C6 ADA D . -19.54 5.79 -21.69
O1 ADA D . -23.94 6.22 -21.39
O2 ADA D . -24.27 8.94 -21.63
O3 ADA D . -21.99 9.79 -23.18
O4 ADA D . -19.96 8.59 -21.56
O5 ADA D . -21.67 6.40 -20.72
O6B ADA D . -18.53 6.26 -22.26
O6A ADA D . -19.49 4.82 -20.91
C1 M8C D . -19.13 9.65 -21.06
C2 M8C D . -18.11 9.83 -19.94
C3 M8C D . -18.83 9.98 -18.60
O4 M8C D . -19.31 12.37 -18.74
C5 M8C D . -20.83 10.86 -19.88
C6 M8C D . -21.85 11.96 -20.05
O6A M8C D . -22.72 12.14 -19.22
O6B M8C D . -21.79 12.85 -21.20
CH3 M8C D . -22.90 12.92 -22.12
O5 M8C D . -20.03 10.76 -21.08
C4 M8C D . -19.91 11.07 -18.67
O3 M8C D . -17.85 10.26 -17.60
O2 M8C D . -17.22 8.71 -19.88
C1 M8C D . -19.59 13.65 -18.10
C2 M8C D . -18.75 14.80 -18.66
C3 M8C D . -17.28 14.58 -18.30
O4 M8C D . -17.59 15.59 -16.12
C5 M8C D . -18.00 13.24 -16.33
C6 M8C D . -17.82 13.09 -14.84
O6A M8C D . -18.76 13.19 -14.07
O6B M8C D . -16.49 12.82 -14.32
CH3 M8C D . -16.32 12.40 -12.97
O5 M8C D . -19.37 13.49 -16.69
C4 M8C D . -17.14 14.42 -16.79
O3 M8C D . -16.47 15.65 -18.79
O2 M8C D . -18.87 14.89 -20.09
C1 M8C D . -16.69 16.38 -15.31
C2 M8C D . -17.47 17.29 -14.36
C3 M8C D . -18.15 18.42 -15.12
O4 M8C D . -16.25 19.95 -15.38
C5 M8C D . -16.40 18.10 -16.93
C6 M8C D . -15.39 18.75 -17.83
O6A M8C D . -14.19 18.71 -17.60
O6B M8C D . -15.84 19.43 -19.04
CH3 M8C D . -14.90 19.94 -19.98
O5 M8C D . -15.75 17.15 -16.06
C4 M8C D . -17.18 19.12 -16.09
O3 M8C D . -18.72 19.35 -14.19
O2 M8C D . -18.45 16.53 -13.65
C1 M8C D . -16.45 21.35 -15.08
C2 M8C D . -15.91 22.28 -16.16
C3 M8C D . -14.39 22.32 -16.12
O4 M8C D . -14.39 24.00 -14.37
C5 M8C D . -14.50 21.69 -13.69
C6 M8C D . -14.19 22.05 -12.27
O6A M8C D . -15.03 21.92 -11.38
O6B M8C D . -12.88 22.55 -11.92
CH3 M8C D . -12.67 23.00 -10.57
O5 M8C D . -15.92 21.65 -13.78
C4 M8C D . -13.93 22.68 -14.71
O3 M8C D . -13.91 23.23 -17.14
O2 M8C D . -16.31 21.78 -17.44
C1 ADA D . -13.54 25.10 -13.97
C2 ADA D . -14.36 26.19 -13.30
C3 ADA D . -15.28 26.88 -14.31
C4 ADA D . -14.46 27.43 -15.47
C5 ADA D . -13.71 26.27 -16.12
C6 ADA D . -12.89 26.77 -17.28
O2 ADA D . -15.11 25.65 -12.20
O3 ADA D . -15.99 27.96 -13.70
O4 ADA D . -13.56 28.44 -15.02
O5 ADA D . -12.88 25.59 -15.15
O6B ADA D . -13.49 27.24 -18.28
O6A ADA D . -11.65 26.70 -17.18
#